data_6JTL
#
_entry.id   6JTL
#
_cell.length_a   67.805
_cell.length_b   90.992
_cell.length_c   103.325
_cell.angle_alpha   90.00
_cell.angle_beta   90.00
_cell.angle_gamma   90.00
#
_symmetry.space_group_name_H-M   'P 21 21 21'
#
loop_
_entity.id
_entity.type
_entity.pdbx_description
1 polymer Beta-hexosaminidase
2 non-polymer 'ZINC ION'
3 water water
#
_entity_poly.entity_id   1
_entity_poly.type   'polypeptide(L)'
_entity_poly.pdbx_seq_one_letter_code
;MGSSHHHHHHSSGLVPRGSHMASMTGGQQMGRGSEFMTVPHIPRGPVMADIAAFRLTEEEKQRLLDPAIGGIILFRRNFQ
NIEQLKTLTAEIKALRTPELIIAVDHEGGRVQRFIEGFTRLPAMNVLGQIWDKDGASAAETAAGQVGRVLATELSACGID
LSFTPVLDLDWGNCAVIGNRSFHRNPEAVARLALALQKGLAKGGMKSCGKHFPGHGFVEGDSHLVLPEDGRSLDELEAAD
LAPFRIMSREGMAAVMPAHVVYPQVDTKPAGFSEIWLKQILRRDIGFKGVIFSDDLTMEGACGAGGIKERARISFEAGCD
IVLVCNRPDLVDELRDGFTIPDNQDLAGRWQYMENSLGHEAVQAVMQTMGFQAAQAFVAGLASPQDTAGGVKVGEAF
;
_entity_poly.pdbx_strand_id   A,B
#
# COMPACT_ATOMS: atom_id res chain seq x y z
N VAL A 39 3.98 -22.75 35.86
CA VAL A 39 4.27 -22.03 34.58
C VAL A 39 4.70 -23.06 33.54
N PRO A 40 3.82 -23.39 32.56
CA PRO A 40 4.12 -24.49 31.65
C PRO A 40 5.41 -24.31 30.84
N HIS A 41 6.16 -25.41 30.70
CA HIS A 41 7.38 -25.46 29.91
C HIS A 41 6.96 -26.05 28.55
N ILE A 42 6.81 -25.17 27.54
CA ILE A 42 6.37 -25.56 26.22
C ILE A 42 7.29 -24.93 25.18
N PRO A 43 7.84 -25.73 24.23
CA PRO A 43 8.59 -25.11 23.12
C PRO A 43 7.74 -24.10 22.35
N ARG A 44 8.41 -23.09 21.81
CA ARG A 44 7.76 -22.09 20.99
C ARG A 44 7.34 -22.72 19.67
N GLY A 45 6.04 -22.70 19.40
CA GLY A 45 5.50 -23.20 18.14
C GLY A 45 5.76 -22.29 16.95
N PRO A 46 5.39 -22.75 15.74
CA PRO A 46 5.67 -22.04 14.50
C PRO A 46 4.60 -21.03 14.04
N VAL A 47 3.67 -20.64 14.92
CA VAL A 47 2.68 -19.63 14.59
C VAL A 47 2.94 -18.37 15.42
N MET A 48 2.95 -17.23 14.74
CA MET A 48 2.94 -15.92 15.39
C MET A 48 1.53 -15.38 15.23
N ALA A 49 0.88 -15.18 16.36
CA ALA A 49 -0.51 -14.74 16.41
C ALA A 49 -0.56 -13.27 16.91
N ASP A 50 -1.74 -12.79 17.24
CA ASP A 50 -1.87 -11.44 17.78
C ASP A 50 -2.99 -11.38 18.80
N ILE A 51 -3.23 -10.18 19.35
CA ILE A 51 -4.31 -9.99 20.35
C ILE A 51 -5.18 -8.79 20.01
N ALA A 52 -6.34 -8.73 20.65
CA ALA A 52 -7.41 -7.80 20.27
C ALA A 52 -7.18 -6.38 20.74
N ALA A 53 -6.87 -6.18 22.02
CA ALA A 53 -6.83 -4.81 22.57
C ALA A 53 -5.66 -4.57 23.55
N PHE A 54 -5.88 -3.96 24.71
CA PHE A 54 -4.79 -3.42 25.57
C PHE A 54 -4.28 -4.37 26.63
N ARG A 55 -5.07 -5.39 26.94
CA ARG A 55 -4.75 -6.39 27.95
C ARG A 55 -5.32 -7.72 27.49
N LEU A 56 -4.74 -8.82 27.96
CA LEU A 56 -5.19 -10.14 27.58
C LEU A 56 -6.57 -10.46 28.17
N THR A 57 -7.45 -11.00 27.34
CA THR A 57 -8.66 -11.65 27.82
C THR A 57 -8.30 -13.06 28.29
N GLU A 58 -9.23 -13.70 28.99
CA GLU A 58 -9.04 -15.07 29.45
C GLU A 58 -8.94 -16.02 28.26
N GLU A 59 -9.71 -15.75 27.22
CA GLU A 59 -9.69 -16.54 25.98
C GLU A 59 -8.32 -16.45 25.28
N GLU A 60 -7.79 -15.24 25.20
CA GLU A 60 -6.47 -15.01 24.61
C GLU A 60 -5.37 -15.72 25.42
N LYS A 61 -5.48 -15.71 26.75
CA LYS A 61 -4.54 -16.45 27.60
C LYS A 61 -4.51 -17.94 27.23
N GLN A 62 -5.70 -18.54 27.07
CA GLN A 62 -5.79 -19.95 26.69
C GLN A 62 -5.26 -20.21 25.28
N ARG A 63 -5.55 -19.29 24.36
CA ARG A 63 -5.07 -19.41 22.99
C ARG A 63 -3.54 -19.33 22.97
N LEU A 64 -2.97 -18.34 23.65
CA LEU A 64 -1.50 -18.17 23.63
C LEU A 64 -0.74 -19.29 24.36
N LEU A 65 -1.44 -20.13 25.12
CA LEU A 65 -0.86 -21.35 25.71
C LEU A 65 -0.81 -22.58 24.79
N ASP A 66 -1.44 -22.50 23.62
CA ASP A 66 -1.45 -23.60 22.66
C ASP A 66 -0.03 -23.83 22.09
N PRO A 67 0.43 -25.09 22.03
CA PRO A 67 1.79 -25.40 21.53
C PRO A 67 2.10 -24.90 20.12
N ALA A 68 1.07 -24.71 19.29
CA ALA A 68 1.24 -24.12 17.94
C ALA A 68 1.84 -22.72 17.94
N ILE A 69 1.63 -21.97 19.02
CA ILE A 69 2.02 -20.57 19.06
C ILE A 69 3.40 -20.40 19.71
N GLY A 70 4.29 -19.64 19.07
CA GLY A 70 5.59 -19.25 19.63
C GLY A 70 5.85 -17.76 19.83
N GLY A 71 4.98 -16.90 19.31
CA GLY A 71 5.18 -15.46 19.44
C GLY A 71 3.96 -14.62 19.11
N ILE A 72 4.09 -13.32 19.36
CA ILE A 72 3.01 -12.34 19.18
C ILE A 72 3.51 -11.12 18.42
N ILE A 73 2.68 -10.61 17.51
CA ILE A 73 2.92 -9.33 16.86
C ILE A 73 1.90 -8.34 17.41
N LEU A 74 2.38 -7.18 17.86
CA LEU A 74 1.50 -6.14 18.38
C LEU A 74 1.26 -5.08 17.31
N PHE A 75 0.12 -4.40 17.40
CA PHE A 75 -0.27 -3.32 16.49
C PHE A 75 -0.68 -2.10 17.31
N ARG A 76 -1.10 -1.02 16.62
CA ARG A 76 -1.46 0.20 17.29
C ARG A 76 -2.64 0.01 18.23
N ARG A 77 -3.59 -0.83 17.82
CA ARG A 77 -4.77 -1.13 18.65
C ARG A 77 -4.44 -1.77 20.00
N ASN A 78 -3.22 -2.29 20.16
CA ASN A 78 -2.74 -2.84 21.43
C ASN A 78 -2.00 -1.83 22.31
N PHE A 79 -1.94 -0.57 21.90
CA PHE A 79 -1.15 0.45 22.58
C PHE A 79 -1.95 1.67 22.99
N GLN A 80 -1.90 1.95 24.30
CA GLN A 80 -2.45 3.19 24.86
C GLN A 80 -1.31 4.07 25.40
N ASN A 81 -0.42 3.48 26.19
CA ASN A 81 0.77 4.19 26.68
C ASN A 81 1.87 3.21 27.13
N ILE A 82 3.02 3.73 27.53
CA ILE A 82 4.20 2.92 27.90
C ILE A 82 3.87 2.00 29.07
N GLU A 83 3.26 2.57 30.12
CA GLU A 83 2.90 1.84 31.33
C GLU A 83 2.00 0.65 31.00
N GLN A 84 0.98 0.87 30.18
CA GLN A 84 0.04 -0.21 29.78
C GLN A 84 0.71 -1.28 28.91
N LEU A 85 1.63 -0.88 28.02
CA LEU A 85 2.34 -1.82 27.15
C LEU A 85 3.22 -2.77 27.96
N LYS A 86 3.98 -2.23 28.91
CA LYS A 86 4.80 -3.04 29.83
C LYS A 86 3.98 -4.09 30.57
N THR A 87 2.79 -3.70 31.03
CA THR A 87 1.87 -4.60 31.71
C THR A 87 1.40 -5.70 30.76
N LEU A 88 1.11 -5.33 29.51
CA LEU A 88 0.71 -6.29 28.47
C LEU A 88 1.82 -7.27 28.10
N THR A 89 3.03 -6.78 27.86
CA THR A 89 4.15 -7.68 27.51
C THR A 89 4.54 -8.60 28.67
N ALA A 90 4.60 -8.06 29.89
CA ALA A 90 4.85 -8.86 31.09
C ALA A 90 3.91 -10.06 31.22
N GLU A 91 2.60 -9.84 31.01
CA GLU A 91 1.61 -10.92 31.15
C GLU A 91 1.61 -11.91 29.98
N ILE A 92 1.95 -11.46 28.79
CA ILE A 92 2.27 -12.37 27.67
C ILE A 92 3.49 -13.26 28.01
N LYS A 93 4.58 -12.62 28.42
CA LYS A 93 5.82 -13.29 28.86
C LYS A 93 5.58 -14.36 29.96
N ALA A 94 4.69 -14.05 30.91
CA ALA A 94 4.44 -14.90 32.06
C ALA A 94 3.71 -16.22 31.80
N LEU A 95 3.00 -16.32 30.69
CA LEU A 95 2.16 -17.48 30.40
C LEU A 95 2.89 -18.81 30.31
N ARG A 96 4.13 -18.79 29.82
CA ARG A 96 4.86 -20.01 29.45
C ARG A 96 6.37 -19.77 29.26
N THR A 97 7.15 -20.85 29.24
CA THR A 97 8.61 -20.83 29.07
C THR A 97 9.08 -21.87 28.01
N PRO A 98 9.99 -21.53 27.09
CA PRO A 98 10.54 -20.18 26.92
C PRO A 98 9.47 -19.15 26.54
N GLU A 99 9.74 -17.90 26.92
CA GLU A 99 8.74 -16.83 26.85
C GLU A 99 8.38 -16.56 25.41
N LEU A 100 7.09 -16.28 25.16
CA LEU A 100 6.65 -15.92 23.80
C LEU A 100 7.38 -14.69 23.29
N ILE A 101 7.85 -14.79 22.05
CA ILE A 101 8.58 -13.70 21.41
C ILE A 101 7.57 -12.63 20.99
N ILE A 102 7.88 -11.37 21.31
CA ILE A 102 6.98 -10.26 21.00
C ILE A 102 7.63 -9.35 19.95
N ALA A 103 6.90 -9.08 18.88
CA ALA A 103 7.37 -8.25 17.78
C ALA A 103 6.40 -7.11 17.47
N VAL A 104 6.88 -6.15 16.67
CA VAL A 104 6.10 -5.01 16.23
C VAL A 104 6.73 -4.41 14.97
N ASP A 105 5.90 -3.76 14.14
CA ASP A 105 6.36 -3.01 12.97
C ASP A 105 6.69 -1.57 13.36
N HIS A 106 7.92 -1.35 13.82
CA HIS A 106 8.48 0.00 13.97
C HIS A 106 9.56 0.19 12.92
N GLU A 107 9.18 0.82 11.81
CA GLU A 107 10.11 1.15 10.74
C GLU A 107 10.46 2.62 10.88
N GLY A 108 9.44 3.47 10.87
CA GLY A 108 9.61 4.91 10.92
C GLY A 108 8.61 5.57 10.01
N GLY A 109 8.44 6.88 10.18
CA GLY A 109 7.51 7.64 9.37
C GLY A 109 6.08 7.17 9.57
N ARG A 110 5.45 6.76 8.49
CA ARG A 110 4.08 6.29 8.53
C ARG A 110 3.94 4.80 8.89
N VAL A 111 5.04 4.11 9.18
CA VAL A 111 4.93 2.79 9.83
C VAL A 111 5.64 2.82 11.19
N GLN A 112 4.88 3.23 12.19
CA GLN A 112 5.33 3.27 13.58
C GLN A 112 4.10 3.12 14.47
N ARG A 113 3.84 1.90 14.93
CA ARG A 113 2.64 1.56 15.71
C ARG A 113 2.43 2.38 16.98
N PHE A 114 3.52 2.57 17.74
CA PHE A 114 3.49 3.18 19.07
C PHE A 114 4.08 4.59 18.98
N ILE A 115 3.24 5.59 19.29
CA ILE A 115 3.57 6.99 19.12
C ILE A 115 3.80 7.69 20.47
N GLU A 116 2.76 7.78 21.30
CA GLU A 116 2.85 8.50 22.58
C GLU A 116 3.92 7.93 23.52
N GLY A 117 4.84 8.80 23.97
CA GLY A 117 5.96 8.40 24.83
C GLY A 117 7.17 7.84 24.11
N PHE A 118 7.07 7.67 22.79
CA PHE A 118 8.20 7.18 21.97
C PHE A 118 8.76 8.37 21.19
N THR A 119 10.06 8.28 20.87
CA THR A 119 10.65 9.22 19.93
C THR A 119 10.02 8.93 18.57
N ARG A 120 9.58 9.99 17.90
CA ARG A 120 9.02 9.88 16.56
C ARG A 120 10.17 9.66 15.58
N LEU A 121 10.03 8.62 14.76
CA LEU A 121 11.10 8.14 13.91
C LEU A 121 10.91 8.65 12.51
N PRO A 122 12.00 9.05 11.85
CA PRO A 122 11.87 9.48 10.47
C PRO A 122 11.54 8.31 9.54
N ALA A 123 10.84 8.56 8.45
CA ALA A 123 10.70 7.57 7.36
C ALA A 123 12.08 7.23 6.83
N MET A 124 12.29 5.97 6.46
CA MET A 124 13.60 5.53 6.01
C MET A 124 14.16 6.29 4.79
N ASN A 125 13.30 6.81 3.91
CA ASN A 125 13.81 7.58 2.76
C ASN A 125 14.53 8.87 3.17
N VAL A 126 14.17 9.42 4.33
CA VAL A 126 14.88 10.58 4.91
C VAL A 126 16.35 10.30 5.07
N LEU A 127 16.70 9.07 5.45
CA LEU A 127 18.07 8.63 5.52
C LEU A 127 18.70 8.48 4.11
N GLY A 128 17.93 7.98 3.15
CA GLY A 128 18.34 8.01 1.74
C GLY A 128 18.62 9.41 1.21
N GLN A 129 17.84 10.39 1.67
CA GLN A 129 18.04 11.78 1.27
C GLN A 129 19.32 12.38 1.86
N ILE A 130 19.63 12.01 3.10
CA ILE A 130 20.87 12.43 3.75
C ILE A 130 22.06 11.86 3.01
N TRP A 131 21.98 10.59 2.62
CA TRP A 131 22.98 9.94 1.76
C TRP A 131 23.28 10.77 0.49
N ASP A 132 22.23 11.24 -0.18
CA ASP A 132 22.37 12.05 -1.40
C ASP A 132 22.97 13.44 -1.11
N LYS A 133 22.43 14.12 -0.10
CA LYS A 133 22.86 15.49 0.24
C LYS A 133 24.22 15.54 0.94
N ASP A 134 24.29 14.93 2.13
CA ASP A 134 25.47 15.02 3.04
C ASP A 134 26.47 13.88 2.88
N GLY A 135 26.21 12.94 1.98
CA GLY A 135 27.11 11.81 1.76
C GLY A 135 26.86 10.59 2.62
N ALA A 136 27.48 9.49 2.23
CA ALA A 136 27.21 8.16 2.81
C ALA A 136 27.52 8.06 4.29
N SER A 137 28.57 8.76 4.73
CA SER A 137 29.05 8.63 6.10
C SER A 137 28.08 9.27 7.11
N ALA A 138 27.63 10.49 6.82
CA ALA A 138 26.61 11.16 7.62
C ALA A 138 25.34 10.31 7.73
N ALA A 139 24.91 9.74 6.61
CA ALA A 139 23.69 8.94 6.53
C ALA A 139 23.79 7.62 7.29
N GLU A 140 24.95 6.97 7.23
CA GLU A 140 25.21 5.76 8.04
C GLU A 140 25.17 6.05 9.53
N THR A 141 25.80 7.15 9.93
CA THR A 141 25.79 7.62 11.31
C THR A 141 24.36 7.87 11.77
N ALA A 142 23.58 8.57 10.94
CA ALA A 142 22.19 8.82 11.23
C ALA A 142 21.36 7.53 11.34
N ALA A 143 21.60 6.60 10.43
CA ALA A 143 20.89 5.32 10.47
C ALA A 143 21.21 4.54 11.73
N GLY A 144 22.47 4.58 12.15
CA GLY A 144 22.93 4.01 13.41
C GLY A 144 22.14 4.52 14.59
N GLN A 145 21.97 5.84 14.66
CA GLN A 145 21.26 6.47 15.76
C GLN A 145 19.78 6.08 15.73
N VAL A 146 19.15 6.11 14.56
CA VAL A 146 17.74 5.74 14.42
C VAL A 146 17.50 4.31 14.91
N GLY A 147 18.38 3.39 14.52
CA GLY A 147 18.28 2.00 14.96
C GLY A 147 18.37 1.85 16.46
N ARG A 148 19.31 2.58 17.04
CA ARG A 148 19.53 2.55 18.47
C ARG A 148 18.32 3.04 19.23
N VAL A 149 17.78 4.18 18.82
CA VAL A 149 16.65 4.77 19.52
C VAL A 149 15.41 3.88 19.36
N LEU A 150 15.13 3.48 18.13
CA LEU A 150 13.99 2.63 17.80
C LEU A 150 13.95 1.35 18.66
N ALA A 151 15.08 0.64 18.70
CA ALA A 151 15.16 -0.63 19.41
C ALA A 151 15.16 -0.44 20.92
N THR A 152 15.95 0.53 21.39
CA THR A 152 16.12 0.76 22.82
C THR A 152 14.81 1.11 23.53
N GLU A 153 13.99 1.97 22.93
CA GLU A 153 12.70 2.37 23.51
C GLU A 153 11.70 1.20 23.51
N LEU A 154 11.74 0.38 22.47
CA LEU A 154 10.95 -0.85 22.42
C LEU A 154 11.40 -1.93 23.42
N SER A 155 12.71 -2.04 23.67
CA SER A 155 13.21 -3.04 24.62
C SER A 155 12.84 -2.70 26.06
N ALA A 156 12.77 -1.41 26.36
CA ALA A 156 12.27 -0.91 27.66
C ALA A 156 10.85 -1.37 27.98
N CYS A 157 10.04 -1.64 26.94
CA CYS A 157 8.65 -2.08 27.10
C CYS A 157 8.42 -3.60 26.99
N GLY A 158 9.48 -4.39 26.94
CA GLY A 158 9.38 -5.85 26.85
C GLY A 158 9.29 -6.40 25.43
N ILE A 159 9.57 -5.60 24.40
CA ILE A 159 9.47 -6.05 23.02
C ILE A 159 10.79 -6.70 22.64
N ASP A 160 10.73 -7.79 21.89
CA ASP A 160 11.94 -8.51 21.45
C ASP A 160 12.51 -7.98 20.14
N LEU A 161 11.64 -7.70 19.18
CA LEU A 161 12.03 -7.45 17.78
C LEU A 161 11.15 -6.40 17.07
N SER A 162 11.78 -5.53 16.30
CA SER A 162 11.04 -4.76 15.28
C SER A 162 11.23 -5.39 13.91
N PHE A 163 10.15 -5.52 13.17
CA PHE A 163 10.22 -5.98 11.78
C PHE A 163 10.75 -4.86 10.88
N THR A 164 12.05 -4.69 10.93
CA THR A 164 12.78 -3.67 10.13
C THR A 164 14.19 -4.23 9.93
N PRO A 165 14.92 -3.93 8.84
CA PRO A 165 14.59 -2.91 7.85
C PRO A 165 13.96 -3.39 6.57
N VAL A 166 13.26 -2.46 5.92
CA VAL A 166 12.82 -2.62 4.54
C VAL A 166 14.07 -2.53 3.68
N LEU A 167 14.34 -3.60 2.93
CA LEU A 167 15.43 -3.67 1.94
C LEU A 167 14.94 -3.48 0.50
N ASP A 168 13.64 -3.25 0.35
CA ASP A 168 13.03 -3.01 -0.96
C ASP A 168 13.62 -1.76 -1.57
N LEU A 169 13.87 -1.80 -2.88
CA LEU A 169 14.45 -0.67 -3.60
C LEU A 169 13.40 0.34 -4.05
N ASP A 170 13.74 1.62 -4.01
CA ASP A 170 12.84 2.65 -4.51
C ASP A 170 12.97 2.85 -6.02
N TRP A 171 12.32 1.95 -6.76
CA TRP A 171 12.21 2.07 -8.21
C TRP A 171 11.22 3.17 -8.65
N GLY A 172 10.51 3.79 -7.69
CA GLY A 172 9.50 4.80 -7.98
C GLY A 172 8.20 4.18 -8.53
N ASN A 173 7.96 2.90 -8.21
CA ASN A 173 6.83 2.12 -8.74
C ASN A 173 5.78 1.77 -7.69
N CYS A 174 6.20 1.53 -6.46
CA CYS A 174 5.37 0.89 -5.44
C CYS A 174 4.97 1.87 -4.35
N ALA A 175 3.69 2.22 -4.29
CA ALA A 175 3.22 3.21 -3.32
C ALA A 175 3.20 2.67 -1.88
N VAL A 176 2.75 1.42 -1.73
CA VAL A 176 2.68 0.80 -0.40
C VAL A 176 4.04 0.70 0.31
N ILE A 177 5.11 0.54 -0.47
CA ILE A 177 6.45 0.67 0.04
C ILE A 177 6.74 2.16 0.18
N GLY A 178 6.73 2.88 -0.92
CA GLY A 178 6.89 4.33 -0.90
C GLY A 178 8.12 4.84 -0.13
N ASN A 179 7.87 5.68 0.87
CA ASN A 179 8.93 6.28 1.72
C ASN A 179 9.57 5.30 2.67
N ARG A 180 9.00 4.10 2.80
CA ARG A 180 9.54 3.06 3.66
C ARG A 180 10.88 2.53 3.18
N SER A 181 11.17 2.70 1.88
CA SER A 181 12.45 2.31 1.30
C SER A 181 13.52 3.37 1.53
N PHE A 182 14.74 2.93 1.86
CA PHE A 182 15.89 3.85 1.99
C PHE A 182 16.19 4.66 0.73
N HIS A 183 16.35 3.99 -0.40
CA HIS A 183 16.98 4.59 -1.60
C HIS A 183 16.70 3.72 -2.81
N ARG A 184 16.95 4.27 -4.00
CA ARG A 184 16.85 3.51 -5.26
C ARG A 184 18.03 2.55 -5.43
N ASN A 185 19.19 3.00 -4.99
CA ASN A 185 20.45 2.33 -5.21
C ASN A 185 20.64 1.17 -4.22
N PRO A 186 20.89 -0.05 -4.74
CA PRO A 186 21.10 -1.19 -3.82
C PRO A 186 22.29 -1.05 -2.89
N GLU A 187 23.32 -0.30 -3.31
CA GLU A 187 24.50 -0.06 -2.48
C GLU A 187 24.18 0.81 -1.25
N ALA A 188 23.38 1.86 -1.44
CA ALA A 188 22.94 2.71 -0.34
C ALA A 188 21.96 2.00 0.60
N VAL A 189 21.03 1.23 0.04
CA VAL A 189 20.05 0.45 0.81
C VAL A 189 20.79 -0.53 1.71
N ALA A 190 21.71 -1.28 1.12
CA ALA A 190 22.56 -2.22 1.86
C ALA A 190 23.32 -1.56 3.02
N ARG A 191 24.00 -0.45 2.75
CA ARG A 191 24.87 0.16 3.76
C ARG A 191 24.07 0.85 4.88
N LEU A 192 22.98 1.51 4.51
CA LEU A 192 22.08 2.10 5.49
C LEU A 192 21.36 1.02 6.30
N ALA A 193 21.00 -0.09 5.66
CA ALA A 193 20.41 -1.22 6.36
C ALA A 193 21.39 -1.87 7.34
N LEU A 194 22.67 -1.96 6.96
CA LEU A 194 23.70 -2.44 7.89
C LEU A 194 23.92 -1.53 9.08
N ALA A 195 23.98 -0.22 8.83
CA ALA A 195 24.20 0.74 9.90
C ALA A 195 23.02 0.73 10.87
N LEU A 196 21.79 0.67 10.33
CA LEU A 196 20.58 0.54 11.15
C LEU A 196 20.61 -0.71 12.01
N GLN A 197 20.99 -1.83 11.40
CA GLN A 197 21.14 -3.11 12.10
C GLN A 197 22.12 -3.03 13.27
N LYS A 198 23.23 -2.31 13.11
CA LYS A 198 24.19 -2.15 14.21
C LYS A 198 23.58 -1.36 15.36
N GLY A 199 22.86 -0.30 15.02
CA GLY A 199 22.09 0.45 15.99
C GLY A 199 21.04 -0.40 16.70
N LEU A 200 20.26 -1.17 15.94
CA LEU A 200 19.28 -2.08 16.53
C LEU A 200 19.93 -3.01 17.56
N ALA A 201 21.10 -3.54 17.23
CA ALA A 201 21.80 -4.46 18.15
C ALA A 201 22.23 -3.77 19.45
N LYS A 202 22.57 -2.48 19.39
CA LYS A 202 22.86 -1.70 20.60
C LYS A 202 21.65 -1.50 21.51
N GLY A 203 20.45 -1.50 20.95
CA GLY A 203 19.20 -1.55 21.73
C GLY A 203 18.66 -2.95 21.98
N GLY A 204 19.48 -4.00 21.75
CA GLY A 204 19.11 -5.36 22.11
C GLY A 204 18.42 -6.23 21.08
N MET A 205 18.23 -5.71 19.86
CA MET A 205 17.40 -6.39 18.87
C MET A 205 18.18 -6.88 17.67
N LYS A 206 17.73 -8.02 17.14
CA LYS A 206 18.10 -8.44 15.79
C LYS A 206 17.25 -7.71 14.78
N SER A 207 17.51 -7.97 13.51
CA SER A 207 16.80 -7.32 12.41
C SER A 207 16.00 -8.33 11.62
N CYS A 208 15.00 -7.82 10.90
CA CYS A 208 14.23 -8.63 9.97
C CYS A 208 14.08 -7.89 8.63
N GLY A 209 14.85 -8.31 7.63
CA GLY A 209 14.84 -7.69 6.31
C GLY A 209 13.60 -8.04 5.54
N LYS A 210 13.07 -7.08 4.79
CA LYS A 210 11.87 -7.35 4.00
C LYS A 210 11.78 -6.48 2.75
N HIS A 211 11.11 -6.93 1.69
CA HIS A 211 10.38 -8.19 1.57
C HIS A 211 11.06 -9.02 0.48
N PHE A 212 11.71 -10.10 0.89
CA PHE A 212 12.49 -10.94 0.00
C PHE A 212 11.63 -11.58 -1.10
N PRO A 213 12.05 -11.54 -2.37
CA PRO A 213 13.34 -11.05 -2.86
C PRO A 213 13.40 -9.58 -3.32
N GLY A 214 12.32 -8.81 -3.10
CA GLY A 214 12.28 -7.41 -3.50
C GLY A 214 10.89 -6.97 -3.94
N HIS A 215 10.30 -6.07 -3.15
CA HIS A 215 8.92 -5.57 -3.37
C HIS A 215 8.91 -4.21 -4.11
N GLY A 216 10.08 -3.65 -4.42
CA GLY A 216 10.16 -2.30 -4.93
C GLY A 216 9.77 -2.07 -6.38
N PHE A 217 9.87 -3.09 -7.22
CA PHE A 217 9.63 -2.92 -8.65
C PHE A 217 8.15 -3.02 -9.04
N VAL A 218 7.39 -3.87 -8.33
CA VAL A 218 5.95 -3.98 -8.61
C VAL A 218 5.21 -2.70 -8.28
N GLU A 219 4.08 -2.49 -8.95
CA GLU A 219 3.15 -1.43 -8.56
C GLU A 219 2.30 -1.97 -7.42
N GLY A 220 2.03 -1.10 -6.45
CA GLY A 220 1.42 -1.49 -5.18
C GLY A 220 0.64 -0.32 -4.62
N ASP A 221 -0.60 -0.20 -5.09
CA ASP A 221 -1.53 0.86 -4.72
C ASP A 221 -2.97 0.33 -4.67
N PRO A 227 -0.26 -8.97 -7.45
CA PRO A 227 0.62 -8.10 -8.23
C PRO A 227 1.90 -8.82 -8.71
N GLU A 228 2.34 -8.46 -9.91
CA GLU A 228 3.35 -9.24 -10.64
C GLU A 228 4.60 -8.45 -10.98
N ASP A 229 5.76 -8.99 -10.58
CA ASP A 229 7.06 -8.52 -11.01
C ASP A 229 7.51 -9.42 -12.18
N GLY A 230 7.52 -8.88 -13.40
CA GLY A 230 7.77 -9.66 -14.62
C GLY A 230 9.23 -9.82 -15.02
N ARG A 231 10.16 -9.45 -14.15
CA ARG A 231 11.59 -9.46 -14.47
C ARG A 231 12.24 -10.83 -14.28
N SER A 232 13.39 -11.02 -14.90
CA SER A 232 14.15 -12.27 -14.79
C SER A 232 14.92 -12.31 -13.47
N LEU A 233 15.40 -13.49 -13.10
CA LEU A 233 16.23 -13.67 -11.91
C LEU A 233 17.53 -12.88 -12.02
N ASP A 234 18.15 -12.91 -13.20
CA ASP A 234 19.37 -12.13 -13.45
C ASP A 234 19.15 -10.65 -13.12
N GLU A 235 18.00 -10.08 -13.51
CA GLU A 235 17.69 -8.69 -13.22
C GLU A 235 17.58 -8.42 -11.70
N LEU A 236 16.94 -9.34 -10.97
CA LEU A 236 16.85 -9.23 -9.51
C LEU A 236 18.20 -9.42 -8.81
N GLU A 237 19.05 -10.30 -9.32
CA GLU A 237 20.41 -10.45 -8.79
C GLU A 237 21.23 -9.17 -8.92
N ALA A 238 20.99 -8.42 -9.99
CA ALA A 238 21.73 -7.21 -10.29
C ALA A 238 21.40 -6.04 -9.37
N ALA A 239 20.25 -6.08 -8.70
CA ALA A 239 19.82 -4.96 -7.88
C ALA A 239 19.11 -5.42 -6.61
N ASP A 240 17.87 -5.86 -6.76
CA ASP A 240 16.95 -6.06 -5.61
C ASP A 240 17.40 -7.09 -4.59
N LEU A 241 18.02 -8.17 -5.04
CA LEU A 241 18.53 -9.22 -4.12
C LEU A 241 19.86 -8.85 -3.44
N ALA A 242 20.57 -7.84 -3.95
CA ALA A 242 21.91 -7.55 -3.43
C ALA A 242 21.91 -7.20 -1.95
N PRO A 243 21.02 -6.28 -1.51
CA PRO A 243 20.91 -5.99 -0.08
C PRO A 243 20.59 -7.19 0.80
N PHE A 244 19.75 -8.11 0.31
CA PHE A 244 19.44 -9.33 1.05
C PHE A 244 20.69 -10.20 1.20
N ARG A 245 21.46 -10.36 0.12
CA ARG A 245 22.75 -11.07 0.17
C ARG A 245 23.68 -10.45 1.20
N ILE A 246 23.90 -9.14 1.06
CA ILE A 246 24.80 -8.40 1.93
C ILE A 246 24.35 -8.55 3.37
N MET A 247 23.07 -8.28 3.63
CA MET A 247 22.55 -8.36 5.00
C MET A 247 22.65 -9.76 5.60
N SER A 248 22.37 -10.79 4.81
CA SER A 248 22.51 -12.18 5.26
C SER A 248 23.96 -12.51 5.60
N ARG A 249 24.88 -12.12 4.72
CA ARG A 249 26.32 -12.26 4.96
C ARG A 249 26.74 -11.61 6.30
N GLU A 250 26.20 -10.44 6.60
CA GLU A 250 26.52 -9.70 7.84
C GLU A 250 25.59 -10.00 9.04
N GLY A 251 24.94 -11.17 9.05
CA GLY A 251 24.29 -11.66 10.28
C GLY A 251 22.83 -11.30 10.53
N MET A 252 22.14 -10.79 9.53
CA MET A 252 20.70 -10.53 9.63
C MET A 252 20.03 -11.81 10.05
N ALA A 253 19.21 -11.73 11.08
CA ALA A 253 18.65 -12.91 11.74
C ALA A 253 17.33 -13.38 11.15
N ALA A 254 16.65 -12.53 10.39
CA ALA A 254 15.34 -12.91 9.89
C ALA A 254 15.00 -12.19 8.61
N VAL A 255 14.00 -12.73 7.92
CA VAL A 255 13.58 -12.25 6.63
C VAL A 255 12.09 -12.49 6.51
N MET A 256 11.40 -11.55 5.86
CA MET A 256 10.00 -11.68 5.54
C MET A 256 9.89 -11.65 4.01
N PRO A 257 9.22 -12.66 3.39
CA PRO A 257 9.10 -12.67 1.97
C PRO A 257 7.98 -11.76 1.45
N ALA A 258 8.10 -11.36 0.20
CA ALA A 258 7.11 -10.54 -0.44
C ALA A 258 5.83 -11.33 -0.78
N HIS A 259 4.69 -10.65 -0.68
CA HIS A 259 3.40 -11.09 -1.23
C HIS A 259 3.37 -10.64 -2.70
N VAL A 260 4.24 -11.29 -3.50
CA VAL A 260 4.46 -10.92 -4.91
C VAL A 260 4.85 -12.16 -5.68
N VAL A 261 4.31 -12.31 -6.88
CA VAL A 261 4.64 -13.39 -7.80
C VAL A 261 5.65 -12.88 -8.82
N TYR A 262 6.71 -13.65 -9.02
CA TYR A 262 7.74 -13.35 -9.99
C TYR A 262 7.70 -14.45 -11.06
N PRO A 263 6.82 -14.32 -12.08
CA PRO A 263 6.52 -15.46 -12.96
C PRO A 263 7.72 -16.10 -13.70
N GLN A 264 8.80 -15.37 -13.92
CA GLN A 264 9.97 -15.92 -14.59
C GLN A 264 10.75 -16.90 -13.71
N VAL A 265 10.57 -16.80 -12.39
CA VAL A 265 11.20 -17.73 -11.45
C VAL A 265 10.21 -18.79 -10.90
N ASP A 266 8.98 -18.39 -10.64
CA ASP A 266 7.94 -19.27 -10.06
C ASP A 266 6.59 -18.55 -10.11
N THR A 267 5.52 -19.26 -10.48
CA THR A 267 4.16 -18.66 -10.47
C THR A 267 3.51 -18.66 -9.08
N LYS A 268 4.11 -19.38 -8.15
CA LYS A 268 3.76 -19.23 -6.74
C LYS A 268 4.41 -17.94 -6.18
N PRO A 269 3.69 -17.21 -5.30
CA PRO A 269 4.30 -16.09 -4.59
C PRO A 269 5.52 -16.52 -3.79
N ALA A 270 6.48 -15.60 -3.59
CA ALA A 270 7.73 -15.88 -2.88
C ALA A 270 7.54 -16.62 -1.55
N GLY A 271 6.53 -16.22 -0.78
CA GLY A 271 6.22 -16.87 0.50
C GLY A 271 5.77 -18.33 0.42
N PHE A 272 5.28 -18.77 -0.74
CA PHE A 272 4.85 -20.16 -0.97
C PHE A 272 5.75 -20.92 -2.00
N SER A 273 6.97 -20.43 -2.22
CA SER A 273 7.85 -20.93 -3.30
C SER A 273 9.09 -21.63 -2.76
N GLU A 274 9.18 -22.95 -2.97
CA GLU A 274 10.38 -23.72 -2.67
C GLU A 274 11.60 -23.13 -3.39
N ILE A 275 11.38 -22.63 -4.60
CA ILE A 275 12.44 -22.06 -5.41
C ILE A 275 13.03 -20.82 -4.71
N TRP A 276 12.18 -19.89 -4.32
CA TRP A 276 12.68 -18.68 -3.67
C TRP A 276 13.30 -18.97 -2.29
N LEU A 277 12.61 -19.72 -1.46
CA LEU A 277 12.99 -19.87 -0.06
C LEU A 277 14.05 -20.93 0.19
N LYS A 278 13.96 -22.09 -0.48
CA LYS A 278 14.95 -23.15 -0.30
C LYS A 278 16.11 -23.07 -1.31
N GLN A 279 15.79 -22.99 -2.60
CA GLN A 279 16.83 -23.01 -3.64
C GLN A 279 17.69 -21.75 -3.61
N ILE A 280 17.04 -20.58 -3.64
CA ILE A 280 17.72 -19.30 -3.71
C ILE A 280 18.16 -18.79 -2.33
N LEU A 281 17.23 -18.66 -1.37
CA LEU A 281 17.57 -18.04 -0.08
C LEU A 281 18.45 -18.95 0.82
N ARG A 282 18.14 -20.23 0.97
CA ARG A 282 18.95 -21.15 1.81
C ARG A 282 20.24 -21.58 1.13
N ARG A 283 20.13 -22.22 -0.03
CA ARG A 283 21.29 -22.87 -0.68
C ARG A 283 22.23 -21.89 -1.38
N ASP A 284 21.67 -21.06 -2.25
CA ASP A 284 22.46 -20.11 -3.05
C ASP A 284 23.00 -18.96 -2.17
N ILE A 285 22.12 -18.30 -1.41
CA ILE A 285 22.51 -17.15 -0.55
C ILE A 285 23.17 -17.58 0.79
N GLY A 286 22.76 -18.73 1.33
CA GLY A 286 23.35 -19.25 2.55
C GLY A 286 22.71 -18.75 3.84
N PHE A 287 21.51 -18.17 3.73
CA PHE A 287 20.81 -17.60 4.89
C PHE A 287 20.41 -18.69 5.87
N LYS A 288 20.79 -18.52 7.14
CA LYS A 288 20.55 -19.52 8.22
C LYS A 288 19.50 -19.07 9.27
N GLY A 289 18.92 -17.88 9.07
CA GLY A 289 18.03 -17.29 10.04
C GLY A 289 16.57 -17.71 9.88
N VAL A 290 15.69 -16.93 10.50
CA VAL A 290 14.27 -17.19 10.46
C VAL A 290 13.69 -16.71 9.13
N ILE A 291 12.79 -17.50 8.58
CA ILE A 291 11.93 -17.03 7.52
C ILE A 291 10.53 -16.95 8.13
N PHE A 292 10.06 -15.73 8.39
CA PHE A 292 8.66 -15.50 8.75
C PHE A 292 7.86 -15.54 7.47
N SER A 293 6.62 -16.02 7.52
CA SER A 293 5.76 -16.02 6.34
C SER A 293 5.17 -14.63 6.20
N ASP A 294 4.55 -14.38 5.06
CA ASP A 294 3.70 -13.19 4.95
C ASP A 294 2.37 -13.54 5.65
N ASP A 295 1.61 -12.50 5.97
CA ASP A 295 0.31 -12.61 6.61
C ASP A 295 -0.62 -13.57 5.84
N LEU A 296 -0.89 -14.74 6.43
CA LEU A 296 -1.73 -15.78 5.80
C LEU A 296 -3.23 -15.50 5.83
N THR A 297 -3.65 -14.34 6.33
CA THR A 297 -5.08 -13.96 6.32
C THR A 297 -5.59 -13.58 4.92
N MET A 298 -5.97 -14.62 4.16
CA MET A 298 -6.69 -14.47 2.89
C MET A 298 -7.34 -15.80 2.43
N GLY A 306 -8.18 -24.11 3.22
CA GLY A 306 -8.39 -22.99 4.13
C GLY A 306 -7.09 -22.45 4.73
N ILE A 307 -7.15 -22.05 6.00
CA ILE A 307 -5.97 -21.61 6.74
C ILE A 307 -4.93 -22.72 6.93
N LYS A 308 -5.38 -23.92 7.35
CA LYS A 308 -4.54 -25.11 7.50
C LYS A 308 -3.68 -25.41 6.26
N GLU A 309 -4.34 -25.33 5.12
CA GLU A 309 -3.74 -25.57 3.83
C GLU A 309 -2.74 -24.46 3.47
N ARG A 310 -3.14 -23.21 3.65
CA ARG A 310 -2.23 -22.06 3.46
C ARG A 310 -0.99 -22.18 4.38
N ALA A 311 -1.19 -22.63 5.61
CA ALA A 311 -0.08 -22.82 6.55
C ALA A 311 0.87 -23.93 6.12
N ARG A 312 0.29 -25.07 5.74
CA ARG A 312 1.07 -26.25 5.30
C ARG A 312 1.97 -25.92 4.09
N ILE A 313 1.41 -25.18 3.14
CA ILE A 313 2.13 -24.77 1.94
C ILE A 313 3.31 -23.87 2.29
N SER A 314 3.12 -22.97 3.26
CA SER A 314 4.18 -22.09 3.72
C SER A 314 5.34 -22.84 4.38
N PHE A 315 5.01 -23.81 5.22
CA PHE A 315 6.03 -24.65 5.89
C PHE A 315 6.77 -25.51 4.87
N GLU A 316 6.01 -26.10 3.96
CA GLU A 316 6.55 -26.92 2.88
C GLU A 316 7.49 -26.10 1.98
N ALA A 317 7.10 -24.86 1.68
CA ALA A 317 7.91 -23.96 0.89
C ALA A 317 9.22 -23.55 1.56
N GLY A 318 9.27 -23.60 2.89
CA GLY A 318 10.49 -23.36 3.66
C GLY A 318 10.42 -22.29 4.74
N CYS A 319 9.21 -21.81 5.07
CA CYS A 319 9.04 -20.87 6.18
C CYS A 319 9.24 -21.60 7.52
N ASP A 320 9.84 -20.91 8.48
CA ASP A 320 9.95 -21.40 9.84
C ASP A 320 8.65 -21.17 10.60
N ILE A 321 8.14 -19.95 10.46
CA ILE A 321 7.06 -19.41 11.28
C ILE A 321 6.03 -18.73 10.37
N VAL A 322 4.75 -18.89 10.70
CA VAL A 322 3.68 -18.25 9.95
C VAL A 322 2.98 -17.20 10.81
N LEU A 323 2.75 -16.03 10.22
CA LEU A 323 1.96 -14.97 10.85
C LEU A 323 0.50 -15.14 10.48
N VAL A 324 -0.37 -15.01 11.47
CA VAL A 324 -1.82 -14.99 11.27
C VAL A 324 -2.35 -13.79 12.07
N CYS A 325 -2.69 -12.73 11.35
CA CYS A 325 -3.04 -11.46 12.00
C CYS A 325 -4.52 -11.09 11.83
N ASN A 326 -5.04 -10.36 12.82
CA ASN A 326 -6.40 -9.78 12.81
C ASN A 326 -7.53 -10.80 12.72
N ARG A 327 -7.23 -12.08 12.95
CA ARG A 327 -8.19 -13.18 12.74
C ARG A 327 -7.92 -14.30 13.74
N PRO A 328 -8.19 -14.05 15.04
CA PRO A 328 -8.05 -15.10 16.05
C PRO A 328 -8.94 -16.34 15.83
N ASP A 329 -10.02 -16.20 15.05
CA ASP A 329 -10.81 -17.35 14.60
C ASP A 329 -10.02 -18.30 13.70
N LEU A 330 -9.16 -17.75 12.84
CA LEU A 330 -8.32 -18.58 11.97
C LEU A 330 -7.17 -19.23 12.74
N VAL A 331 -6.70 -18.56 13.78
CA VAL A 331 -5.67 -19.13 14.66
C VAL A 331 -6.27 -20.33 15.41
N ASP A 332 -7.51 -20.17 15.87
CA ASP A 332 -8.25 -21.25 16.50
C ASP A 332 -8.50 -22.43 15.56
N GLU A 333 -8.95 -22.13 14.35
CA GLU A 333 -9.14 -23.17 13.34
C GLU A 333 -7.80 -23.88 13.10
N LEU A 334 -6.74 -23.09 12.86
CA LEU A 334 -5.41 -23.64 12.58
C LEU A 334 -4.88 -24.54 13.69
N ARG A 335 -4.96 -24.07 14.93
CA ARG A 335 -4.31 -24.74 16.06
C ARG A 335 -4.96 -26.06 16.50
N ASP A 336 -6.24 -26.22 16.19
CA ASP A 336 -6.97 -27.43 16.60
C ASP A 336 -6.55 -28.61 15.74
N GLY A 337 -5.94 -29.61 16.37
CA GLY A 337 -5.43 -30.81 15.69
C GLY A 337 -4.24 -30.53 14.78
N PHE A 338 -3.50 -29.47 15.11
CA PHE A 338 -2.39 -28.98 14.30
C PHE A 338 -1.17 -29.86 14.54
N THR A 339 -0.54 -30.31 13.47
CA THR A 339 0.73 -31.01 13.59
C THR A 339 1.85 -30.00 13.37
N ILE A 340 2.64 -29.81 14.43
CA ILE A 340 3.85 -28.99 14.35
C ILE A 340 4.84 -29.67 13.40
N PRO A 341 5.15 -29.03 12.26
CA PRO A 341 6.00 -29.70 11.28
C PRO A 341 7.42 -29.92 11.78
N ASP A 342 8.06 -30.94 11.24
CA ASP A 342 9.44 -31.26 11.60
C ASP A 342 10.37 -30.12 11.19
N ASN A 343 10.94 -29.49 12.20
CA ASN A 343 11.92 -28.41 12.01
C ASN A 343 12.78 -28.38 13.27
N GLN A 344 13.90 -29.09 13.22
CA GLN A 344 14.86 -29.13 14.33
C GLN A 344 15.60 -27.80 14.56
N ASP A 345 15.59 -26.91 13.56
CA ASP A 345 16.21 -25.59 13.68
C ASP A 345 15.31 -24.52 14.31
N LEU A 346 14.01 -24.81 14.50
CA LEU A 346 13.05 -23.79 14.97
C LEU A 346 13.37 -23.16 16.33
N ALA A 347 13.72 -24.00 17.31
CA ALA A 347 13.93 -23.53 18.68
C ALA A 347 15.06 -22.51 18.75
N GLY A 348 16.16 -22.81 18.06
CA GLY A 348 17.34 -21.94 18.03
C GLY A 348 17.10 -20.65 17.24
N ARG A 349 16.34 -20.76 16.16
CA ARG A 349 15.92 -19.60 15.37
C ARG A 349 15.03 -18.64 16.15
N TRP A 350 14.08 -19.15 16.92
CA TRP A 350 13.31 -18.32 17.85
C TRP A 350 14.20 -17.65 18.87
N GLN A 351 15.01 -18.45 19.57
CA GLN A 351 15.95 -17.99 20.62
C GLN A 351 16.90 -16.86 20.17
N TYR A 352 17.40 -16.96 18.95
CA TYR A 352 18.27 -15.94 18.38
C TYR A 352 17.60 -14.55 18.32
N MET A 353 16.27 -14.51 18.22
CA MET A 353 15.50 -13.25 18.19
C MET A 353 15.13 -12.67 19.55
N GLU A 354 15.39 -13.40 20.63
CA GLU A 354 15.16 -12.88 22.00
C GLU A 354 15.96 -11.60 22.17
N ASN A 355 15.38 -10.61 22.84
CA ASN A 355 16.10 -9.38 23.14
C ASN A 355 17.34 -9.72 23.98
N SER A 356 18.50 -9.16 23.63
CA SER A 356 19.75 -9.45 24.36
C SER A 356 19.92 -8.59 25.62
N LEU A 357 19.12 -7.53 25.81
CA LEU A 357 19.23 -6.64 26.98
C LEU A 357 18.15 -6.91 28.02
N GLY A 358 18.50 -6.76 29.30
CA GLY A 358 17.56 -6.98 30.40
C GLY A 358 16.73 -5.75 30.79
N HIS A 359 15.71 -6.04 31.63
CA HIS A 359 14.86 -5.07 32.40
C HIS A 359 15.69 -3.82 32.79
N GLU A 360 16.70 -4.07 33.63
CA GLU A 360 17.49 -3.00 34.25
C GLU A 360 18.43 -2.33 33.25
N ALA A 361 19.07 -3.13 32.42
CA ALA A 361 20.15 -2.66 31.56
C ALA A 361 19.68 -1.61 30.57
N VAL A 362 18.49 -1.82 30.00
CA VAL A 362 17.96 -0.88 29.02
C VAL A 362 17.46 0.42 29.68
N GLN A 363 16.77 0.31 30.82
CA GLN A 363 16.32 1.49 31.58
C GLN A 363 17.50 2.37 32.01
N ALA A 364 18.60 1.71 32.39
CA ALA A 364 19.82 2.38 32.80
C ALA A 364 20.49 3.13 31.66
N VAL A 365 20.59 2.50 30.49
CA VAL A 365 21.21 3.15 29.32
C VAL A 365 20.36 4.32 28.79
N MET A 366 19.04 4.26 29.02
CA MET A 366 18.15 5.36 28.62
C MET A 366 18.32 6.61 29.48
N GLN A 367 18.85 6.44 30.69
CA GLN A 367 19.22 7.55 31.58
C GLN A 367 20.50 8.29 31.18
N THR A 368 21.37 7.65 30.39
CA THR A 368 22.64 8.25 30.01
C THR A 368 22.47 9.44 29.05
N MET A 369 23.44 10.35 29.12
CA MET A 369 23.54 11.53 28.25
C MET A 369 23.62 11.13 26.76
N GLY A 370 24.40 10.09 26.46
CA GLY A 370 24.63 9.63 25.09
C GLY A 370 23.37 9.15 24.39
N PHE A 371 22.54 8.39 25.11
CA PHE A 371 21.24 7.97 24.59
C PHE A 371 20.27 9.14 24.44
N GLN A 372 20.25 10.04 25.42
CA GLN A 372 19.37 11.21 25.35
C GLN A 372 19.68 12.05 24.11
N ALA A 373 20.97 12.17 23.81
CA ALA A 373 21.45 12.91 22.64
C ALA A 373 20.99 12.22 21.37
N ALA A 374 21.11 10.88 21.35
CA ALA A 374 20.58 10.10 20.24
C ALA A 374 19.08 10.35 20.03
N GLN A 375 18.30 10.36 21.10
CA GLN A 375 16.85 10.64 21.01
C GLN A 375 16.56 11.99 20.37
N ALA A 376 17.28 13.01 20.82
CA ALA A 376 17.10 14.39 20.31
C ALA A 376 17.47 14.47 18.82
N PHE A 377 18.62 13.88 18.48
CA PHE A 377 19.03 13.78 17.08
C PHE A 377 17.94 13.13 16.20
N VAL A 378 17.45 11.96 16.62
CA VAL A 378 16.46 11.19 15.86
C VAL A 378 15.12 11.93 15.75
N ALA A 379 14.71 12.56 16.86
CA ALA A 379 13.50 13.40 16.89
C ALA A 379 13.57 14.51 15.86
N GLY A 380 14.76 15.11 15.73
CA GLY A 380 15.03 16.18 14.78
C GLY A 380 14.90 15.75 13.32
N LEU A 381 15.35 14.54 13.00
CA LEU A 381 15.19 14.01 11.62
C LEU A 381 13.71 13.78 11.24
N ALA A 382 12.88 13.48 12.24
CA ALA A 382 11.42 13.26 12.05
C ALA A 382 10.54 14.53 11.99
N SER A 383 11.05 15.69 12.44
CA SER A 383 10.27 16.95 12.42
C SER A 383 10.15 17.49 10.99
N VAL B 39 -21.27 -1.41 -36.93
CA VAL B 39 -20.76 -0.98 -35.58
C VAL B 39 -21.96 -0.92 -34.62
N PRO B 40 -22.08 -1.91 -33.70
CA PRO B 40 -23.29 -1.99 -32.87
C PRO B 40 -23.53 -0.75 -32.00
N HIS B 41 -24.80 -0.35 -31.91
CA HIS B 41 -25.24 0.74 -31.04
C HIS B 41 -25.75 0.10 -29.74
N ILE B 42 -24.93 0.14 -28.69
CA ILE B 42 -25.24 -0.49 -27.40
C ILE B 42 -24.97 0.51 -26.28
N PRO B 43 -25.94 0.71 -25.35
CA PRO B 43 -25.64 1.56 -24.18
C PRO B 43 -24.46 1.01 -23.37
N ARG B 44 -23.72 1.92 -22.73
CA ARG B 44 -22.62 1.52 -21.88
C ARG B 44 -23.17 0.86 -20.62
N GLY B 45 -22.78 -0.39 -20.39
CA GLY B 45 -23.17 -1.12 -19.21
C GLY B 45 -22.44 -0.69 -17.94
N PRO B 46 -22.83 -1.26 -16.78
CA PRO B 46 -22.32 -0.90 -15.48
C PRO B 46 -21.08 -1.68 -15.00
N VAL B 47 -20.39 -2.38 -15.90
CA VAL B 47 -19.15 -3.08 -15.54
C VAL B 47 -17.98 -2.41 -16.25
N MET B 48 -16.93 -2.10 -15.47
CA MET B 48 -15.64 -1.69 -16.02
C MET B 48 -14.71 -2.87 -15.89
N ALA B 49 -14.25 -3.36 -17.03
CA ALA B 49 -13.37 -4.52 -17.11
C ALA B 49 -11.95 -4.09 -17.51
N ASP B 50 -11.11 -5.05 -17.88
CA ASP B 50 -9.77 -4.74 -18.34
C ASP B 50 -9.34 -5.73 -19.42
N ILE B 51 -8.09 -5.61 -19.90
CA ILE B 51 -7.55 -6.50 -20.92
C ILE B 51 -6.16 -6.98 -20.56
N ALA B 52 -5.72 -8.04 -21.24
CA ALA B 52 -4.54 -8.80 -20.84
C ALA B 52 -3.20 -8.12 -21.17
N ALA B 53 -3.00 -7.68 -22.41
CA ALA B 53 -1.69 -7.20 -22.84
C ALA B 53 -1.77 -5.98 -23.79
N PHE B 54 -1.07 -5.97 -24.92
CA PHE B 54 -0.86 -4.74 -25.71
C PHE B 54 -1.89 -4.48 -26.81
N ARG B 55 -2.59 -5.53 -27.21
CA ARG B 55 -3.59 -5.48 -28.27
C ARG B 55 -4.71 -6.44 -27.93
N LEU B 56 -5.90 -6.17 -28.46
CA LEU B 56 -7.05 -7.02 -28.17
C LEU B 56 -6.94 -8.39 -28.83
N THR B 57 -7.25 -9.43 -28.08
CA THR B 57 -7.50 -10.75 -28.66
C THR B 57 -8.93 -10.77 -29.20
N GLU B 58 -9.22 -11.81 -29.98
CA GLU B 58 -10.56 -12.01 -30.53
C GLU B 58 -11.57 -12.25 -29.40
N GLU B 59 -11.14 -12.98 -28.37
CA GLU B 59 -11.96 -13.25 -27.20
C GLU B 59 -12.32 -11.97 -26.43
N GLU B 60 -11.33 -11.10 -26.25
CA GLU B 60 -11.53 -9.81 -25.60
C GLU B 60 -12.49 -8.94 -26.41
N LYS B 61 -12.37 -8.95 -27.74
CA LYS B 61 -13.32 -8.24 -28.60
C LYS B 61 -14.76 -8.66 -28.32
N GLN B 62 -15.00 -9.98 -28.26
CA GLN B 62 -16.33 -10.51 -27.97
C GLN B 62 -16.81 -10.14 -26.58
N ARG B 63 -15.91 -10.22 -25.59
CA ARG B 63 -16.24 -9.85 -24.23
C ARG B 63 -16.63 -8.38 -24.14
N LEU B 64 -15.82 -7.50 -24.73
CA LEU B 64 -16.07 -6.06 -24.64
C LEU B 64 -17.32 -5.60 -25.42
N LEU B 65 -17.87 -6.47 -26.28
CA LEU B 65 -19.18 -6.24 -26.94
C LEU B 65 -20.41 -6.58 -26.09
N ASP B 66 -20.22 -7.24 -24.95
CA ASP B 66 -21.33 -7.59 -24.07
C ASP B 66 -21.98 -6.35 -23.45
N PRO B 67 -23.34 -6.26 -23.48
CA PRO B 67 -24.04 -5.09 -22.92
C PRO B 67 -23.72 -4.73 -21.46
N ALA B 68 -23.30 -5.71 -20.67
CA ALA B 68 -22.86 -5.48 -19.29
C ALA B 68 -21.70 -4.50 -19.16
N ILE B 69 -20.86 -4.43 -20.18
CA ILE B 69 -19.61 -3.66 -20.09
C ILE B 69 -19.80 -2.25 -20.67
N GLY B 70 -19.37 -1.23 -19.92
CA GLY B 70 -19.34 0.17 -20.41
C GLY B 70 -17.97 0.85 -20.51
N GLY B 71 -16.92 0.23 -19.99
CA GLY B 71 -15.60 0.85 -19.99
C GLY B 71 -14.47 -0.07 -19.57
N ILE B 72 -13.25 0.46 -19.72
CA ILE B 72 -12.02 -0.30 -19.54
C ILE B 72 -11.03 0.50 -18.71
N ILE B 73 -10.34 -0.19 -17.79
CA ILE B 73 -9.22 0.39 -17.06
C ILE B 73 -7.94 -0.24 -17.61
N LEU B 74 -6.97 0.60 -17.95
CA LEU B 74 -5.69 0.10 -18.45
C LEU B 74 -4.66 0.12 -17.31
N PHE B 75 -3.68 -0.78 -17.40
CA PHE B 75 -2.57 -0.87 -16.45
C PHE B 75 -1.24 -0.82 -17.20
N ARG B 76 -0.14 -0.86 -16.46
CA ARG B 76 1.18 -0.84 -17.07
C ARG B 76 1.40 -1.98 -18.06
N ARG B 77 0.89 -3.18 -17.73
CA ARG B 77 0.98 -4.34 -18.62
C ARG B 77 0.35 -4.14 -20.01
N ASN B 78 -0.52 -3.13 -20.15
CA ASN B 78 -1.14 -2.76 -21.44
C ASN B 78 -0.35 -1.70 -22.22
N PHE B 79 0.83 -1.29 -21.71
CA PHE B 79 1.60 -0.21 -22.30
C PHE B 79 3.02 -0.60 -22.68
N GLN B 80 3.33 -0.41 -23.97
CA GLN B 80 4.66 -0.60 -24.52
C GLN B 80 5.22 0.77 -24.94
N ASN B 81 4.45 1.51 -25.73
CA ASN B 81 4.81 2.86 -26.15
C ASN B 81 3.57 3.64 -26.64
N ILE B 82 3.77 4.91 -26.97
CA ILE B 82 2.68 5.81 -27.36
C ILE B 82 1.94 5.29 -28.60
N GLU B 83 2.72 4.91 -29.62
CA GLU B 83 2.18 4.41 -30.88
C GLU B 83 1.27 3.20 -30.63
N GLN B 84 1.73 2.25 -29.82
CA GLN B 84 0.97 1.03 -29.51
C GLN B 84 -0.30 1.32 -28.69
N LEU B 85 -0.22 2.27 -27.76
CA LEU B 85 -1.37 2.65 -26.93
C LEU B 85 -2.50 3.23 -27.76
N LYS B 86 -2.16 4.17 -28.65
CA LYS B 86 -3.13 4.75 -29.60
C LYS B 86 -3.87 3.69 -30.41
N THR B 87 -3.11 2.71 -30.89
CA THR B 87 -3.68 1.59 -31.64
C THR B 87 -4.63 0.77 -30.78
N LEU B 88 -4.24 0.54 -29.52
CA LEU B 88 -5.08 -0.20 -28.57
C LEU B 88 -6.38 0.55 -28.21
N THR B 89 -6.27 1.84 -27.90
CA THR B 89 -7.47 2.62 -27.55
C THR B 89 -8.42 2.77 -28.75
N ALA B 90 -7.87 3.07 -29.93
CA ALA B 90 -8.65 3.14 -31.17
C ALA B 90 -9.51 1.89 -31.40
N GLU B 91 -8.92 0.71 -31.25
CA GLU B 91 -9.64 -0.55 -31.50
C GLU B 91 -10.64 -0.92 -30.41
N ILE B 92 -10.36 -0.55 -29.16
CA ILE B 92 -11.39 -0.58 -28.10
C ILE B 92 -12.58 0.34 -28.43
N LYS B 93 -12.27 1.60 -28.74
CA LYS B 93 -13.26 2.61 -29.15
C LYS B 93 -14.14 2.16 -30.33
N ALA B 94 -13.55 1.46 -31.30
CA ALA B 94 -14.22 1.07 -32.54
C ALA B 94 -15.28 -0.03 -32.41
N LEU B 95 -15.23 -0.81 -31.33
CA LEU B 95 -16.12 -1.98 -31.18
C LEU B 95 -17.59 -1.66 -31.15
N ARG B 96 -17.96 -0.49 -30.61
CA ARG B 96 -19.36 -0.16 -30.31
C ARG B 96 -19.57 1.35 -30.05
N THR B 97 -20.84 1.77 -30.04
CA THR B 97 -21.24 3.18 -29.80
C THR B 97 -22.40 3.26 -28.79
N PRO B 98 -22.37 4.17 -27.81
CA PRO B 98 -21.24 5.07 -27.54
C PRO B 98 -19.97 4.31 -27.13
N GLU B 99 -18.83 4.93 -27.42
CA GLU B 99 -17.53 4.29 -27.32
C GLU B 99 -17.23 3.93 -25.87
N LEU B 100 -16.61 2.77 -25.66
CA LEU B 100 -16.23 2.36 -24.29
C LEU B 100 -15.29 3.38 -23.66
N ILE B 101 -15.58 3.74 -22.41
CA ILE B 101 -14.78 4.71 -21.67
C ILE B 101 -13.49 4.05 -21.23
N ILE B 102 -12.35 4.72 -21.46
CA ILE B 102 -11.05 4.18 -21.12
C ILE B 102 -10.42 5.04 -20.02
N ALA B 103 -10.04 4.38 -18.93
CA ALA B 103 -9.44 5.05 -17.79
C ALA B 103 -8.08 4.46 -17.44
N VAL B 104 -7.35 5.21 -16.62
CA VAL B 104 -6.04 4.79 -16.13
C VAL B 104 -5.73 5.54 -14.82
N ASP B 105 -4.91 4.93 -13.98
CA ASP B 105 -4.41 5.56 -12.75
C ASP B 105 -3.11 6.33 -13.03
N HIS B 106 -3.25 7.58 -13.46
CA HIS B 106 -2.12 8.53 -13.50
C HIS B 106 -2.34 9.58 -12.41
N GLU B 107 -1.74 9.37 -11.26
CA GLU B 107 -1.75 10.34 -10.17
C GLU B 107 -0.48 11.15 -10.20
N GLY B 108 0.64 10.45 -10.18
CA GLY B 108 1.97 11.06 -10.10
C GLY B 108 2.84 10.29 -9.14
N GLY B 109 4.13 10.55 -9.22
CA GLY B 109 5.09 9.85 -8.36
C GLY B 109 5.09 8.36 -8.62
N ARG B 110 4.81 7.58 -7.58
CA ARG B 110 4.81 6.13 -7.69
C ARG B 110 3.48 5.54 -8.19
N VAL B 111 2.50 6.39 -8.52
CA VAL B 111 1.32 5.91 -9.26
C VAL B 111 1.23 6.63 -10.60
N GLN B 112 1.89 6.01 -11.60
CA GLN B 112 1.86 6.48 -12.98
C GLN B 112 2.15 5.29 -13.91
N ARG B 113 1.09 4.69 -14.45
CA ARG B 113 1.18 3.47 -15.27
C ARG B 113 2.09 3.57 -16.50
N PHE B 114 1.99 4.68 -17.22
CA PHE B 114 2.65 4.87 -18.52
C PHE B 114 3.83 5.87 -18.31
N ILE B 115 5.03 5.37 -18.58
CA ILE B 115 6.28 6.10 -18.29
C ILE B 115 6.97 6.56 -19.57
N GLU B 116 7.41 5.62 -20.41
CA GLU B 116 8.16 5.96 -21.63
C GLU B 116 7.36 6.86 -22.59
N GLY B 117 7.95 8.00 -22.96
CA GLY B 117 7.28 8.97 -23.83
C GLY B 117 6.32 9.93 -23.14
N PHE B 118 6.10 9.74 -21.83
CA PHE B 118 5.28 10.65 -21.01
C PHE B 118 6.18 11.51 -20.15
N THR B 119 5.71 12.70 -19.81
CA THR B 119 6.36 13.52 -18.79
C THR B 119 6.20 12.80 -17.47
N ARG B 120 7.29 12.67 -16.73
CA ARG B 120 7.26 12.07 -15.39
C ARG B 120 6.65 13.07 -14.43
N LEU B 121 5.64 12.61 -13.70
CA LEU B 121 4.80 13.48 -12.88
C LEU B 121 5.24 13.44 -11.45
N PRO B 122 5.26 14.60 -10.78
CA PRO B 122 5.61 14.59 -9.37
C PRO B 122 4.52 13.92 -8.54
N ALA B 123 4.92 13.32 -7.42
CA ALA B 123 3.98 12.90 -6.41
C ALA B 123 3.21 14.14 -5.90
N MET B 124 1.93 13.95 -5.59
CA MET B 124 1.09 15.07 -5.17
C MET B 124 1.59 15.80 -3.91
N ASN B 125 2.31 15.14 -3.01
CA ASN B 125 2.83 15.84 -1.83
C ASN B 125 3.85 16.95 -2.18
N VAL B 126 4.52 16.81 -3.31
CA VAL B 126 5.42 17.85 -3.84
C VAL B 126 4.70 19.19 -3.99
N LEU B 127 3.44 19.12 -4.41
CA LEU B 127 2.58 20.29 -4.48
C LEU B 127 2.18 20.81 -3.10
N GLY B 128 1.92 19.89 -2.17
CA GLY B 128 1.75 20.25 -0.75
C GLY B 128 2.97 20.93 -0.14
N GLN B 129 4.16 20.53 -0.57
CA GLN B 129 5.39 21.15 -0.09
C GLN B 129 5.58 22.57 -0.63
N ILE B 130 5.19 22.80 -1.88
CA ILE B 130 5.24 24.12 -2.49
C ILE B 130 4.25 25.06 -1.76
N TRP B 131 3.07 24.54 -1.45
CA TRP B 131 2.10 25.25 -0.59
C TRP B 131 2.73 25.75 0.72
N ASP B 132 3.49 24.88 1.39
CA ASP B 132 4.17 25.24 2.65
C ASP B 132 5.30 26.26 2.43
N LYS B 133 6.15 26.02 1.44
CA LYS B 133 7.33 26.85 1.18
C LYS B 133 6.96 28.20 0.51
N ASP B 134 6.40 28.13 -0.70
CA ASP B 134 6.13 29.32 -1.53
C ASP B 134 4.72 29.90 -1.38
N GLY B 135 3.88 29.29 -0.54
CA GLY B 135 2.50 29.76 -0.37
C GLY B 135 1.49 29.15 -1.33
N ALA B 136 0.22 29.33 -0.98
CA ALA B 136 -0.91 28.69 -1.65
C ALA B 136 -1.03 29.01 -3.14
N SER B 137 -0.69 30.25 -3.51
CA SER B 137 -0.91 30.72 -4.86
C SER B 137 0.05 30.07 -5.86
N ALA B 138 1.33 30.05 -5.50
CA ALA B 138 2.34 29.34 -6.29
C ALA B 138 1.98 27.85 -6.47
N ALA B 139 1.52 27.23 -5.38
CA ALA B 139 1.18 25.80 -5.38
C ALA B 139 -0.06 25.48 -6.23
N GLU B 140 -1.07 26.36 -6.20
CA GLU B 140 -2.23 26.25 -7.06
C GLU B 140 -1.85 26.33 -8.57
N THR B 141 -0.99 27.31 -8.88
CA THR B 141 -0.46 27.48 -10.22
C THR B 141 0.28 26.22 -10.67
N ALA B 142 1.14 25.69 -9.81
CA ALA B 142 1.87 24.47 -10.08
C ALA B 142 0.92 23.27 -10.27
N ALA B 143 -0.11 23.18 -9.44
CA ALA B 143 -1.07 22.07 -9.54
C ALA B 143 -1.83 22.14 -10.87
N GLY B 144 -2.16 23.36 -11.29
CA GLY B 144 -2.76 23.61 -12.59
C GLY B 144 -1.92 23.05 -13.74
N GLN B 145 -0.61 23.33 -13.68
CA GLN B 145 0.31 22.85 -14.72
C GLN B 145 0.40 21.32 -14.73
N VAL B 146 0.53 20.71 -13.54
CA VAL B 146 0.62 19.26 -13.42
C VAL B 146 -0.65 18.59 -14.02
N GLY B 147 -1.81 19.13 -13.71
CA GLY B 147 -3.06 18.60 -14.23
C GLY B 147 -3.14 18.66 -15.75
N ARG B 148 -2.70 19.79 -16.28
CA ARG B 148 -2.70 20.01 -17.72
C ARG B 148 -1.80 19.03 -18.43
N VAL B 149 -0.57 18.87 -17.94
CA VAL B 149 0.37 17.98 -18.60
C VAL B 149 -0.12 16.51 -18.50
N LEU B 150 -0.51 16.11 -17.30
CA LEU B 150 -1.01 14.75 -17.03
C LEU B 150 -2.14 14.36 -18.00
N ALA B 151 -3.15 15.21 -18.08
CA ALA B 151 -4.35 14.91 -18.87
C ALA B 151 -4.08 15.03 -20.35
N THR B 152 -3.36 16.08 -20.75
CA THR B 152 -3.11 16.35 -22.17
C THR B 152 -2.35 15.23 -22.87
N GLU B 153 -1.33 14.68 -22.21
CA GLU B 153 -0.54 13.58 -22.78
C GLU B 153 -1.35 12.29 -22.88
N LEU B 154 -2.21 12.04 -21.89
CA LEU B 154 -3.15 10.92 -21.96
C LEU B 154 -4.24 11.07 -23.02
N SER B 155 -4.74 12.30 -23.23
CA SER B 155 -5.79 12.53 -24.24
C SER B 155 -5.28 12.34 -25.65
N ALA B 156 -4.00 12.65 -25.88
CA ALA B 156 -3.32 12.36 -27.15
C ALA B 156 -3.35 10.90 -27.54
N CYS B 157 -3.42 10.01 -26.55
CA CYS B 157 -3.44 8.56 -26.75
C CYS B 157 -4.82 7.88 -26.72
N GLY B 158 -5.89 8.67 -26.68
CA GLY B 158 -7.27 8.14 -26.64
C GLY B 158 -7.80 7.74 -25.27
N ILE B 159 -7.17 8.22 -24.20
CA ILE B 159 -7.61 7.93 -22.84
C ILE B 159 -8.65 8.98 -22.48
N ASP B 160 -9.72 8.55 -21.80
CA ASP B 160 -10.78 9.47 -21.40
C ASP B 160 -10.50 10.15 -20.07
N LEU B 161 -10.05 9.37 -19.09
CA LEU B 161 -10.02 9.81 -17.70
C LEU B 161 -8.82 9.23 -16.93
N SER B 162 -8.21 10.08 -16.09
CA SER B 162 -7.32 9.59 -15.06
C SER B 162 -8.03 9.52 -13.72
N PHE B 163 -7.85 8.40 -13.01
CA PHE B 163 -8.38 8.26 -11.68
C PHE B 163 -7.53 9.09 -10.69
N THR B 164 -7.74 10.39 -10.70
CA THR B 164 -7.04 11.34 -9.81
C THR B 164 -8.03 12.52 -9.61
N PRO B 165 -8.02 13.25 -8.49
CA PRO B 165 -6.99 13.22 -7.47
C PRO B 165 -7.31 12.43 -6.22
N VAL B 166 -6.25 12.03 -5.53
CA VAL B 166 -6.34 11.56 -4.15
C VAL B 166 -6.72 12.78 -3.28
N LEU B 167 -7.87 12.67 -2.61
CA LEU B 167 -8.32 13.68 -1.64
C LEU B 167 -8.08 13.25 -0.19
N ASP B 168 -7.47 12.08 -0.01
CA ASP B 168 -7.13 11.54 1.30
C ASP B 168 -6.15 12.49 2.00
N LEU B 169 -6.36 12.71 3.30
CA LEU B 169 -5.52 13.63 4.06
C LEU B 169 -4.27 12.92 4.59
N ASP B 170 -3.16 13.65 4.65
CA ASP B 170 -1.93 13.10 5.24
C ASP B 170 -1.93 13.24 6.77
N TRP B 171 -2.60 12.30 7.42
CA TRP B 171 -2.56 12.17 8.88
C TRP B 171 -1.25 11.57 9.39
N GLY B 172 -0.36 11.16 8.49
CA GLY B 172 0.92 10.53 8.86
C GLY B 172 0.77 9.10 9.36
N ASN B 173 -0.32 8.44 8.95
CA ASN B 173 -0.68 7.09 9.40
C ASN B 173 -0.58 6.04 8.29
N CYS B 174 -0.89 6.43 7.04
CA CYS B 174 -1.15 5.46 5.97
C CYS B 174 -0.02 5.46 4.93
N ALA B 175 0.73 4.37 4.87
CA ALA B 175 1.88 4.28 3.98
C ALA B 175 1.47 4.14 2.51
N VAL B 176 0.47 3.30 2.24
CA VAL B 176 -0.01 3.06 0.88
C VAL B 176 -0.52 4.34 0.19
N ILE B 177 -1.09 5.26 0.97
CA ILE B 177 -1.40 6.59 0.47
C ILE B 177 -0.09 7.35 0.42
N GLY B 178 0.53 7.57 1.58
CA GLY B 178 1.84 8.20 1.65
C GLY B 178 1.98 9.52 0.89
N ASN B 179 2.91 9.58 -0.07
CA ASN B 179 3.17 10.77 -0.89
C ASN B 179 2.05 11.10 -1.88
N ARG B 180 1.13 10.17 -2.08
CA ARG B 180 0.00 10.37 -2.98
C ARG B 180 -0.98 11.44 -2.51
N SER B 181 -0.96 11.74 -1.21
CA SER B 181 -1.76 12.82 -0.62
C SER B 181 -1.09 14.17 -0.77
N PHE B 182 -1.88 15.19 -1.11
CA PHE B 182 -1.37 16.56 -1.21
C PHE B 182 -0.76 17.09 0.11
N HIS B 183 -1.52 16.99 1.20
CA HIS B 183 -1.22 17.72 2.43
C HIS B 183 -2.01 17.14 3.61
N ARG B 184 -1.64 17.52 4.83
CA ARG B 184 -2.41 17.17 6.05
C ARG B 184 -3.71 17.98 6.15
N ASN B 185 -3.61 19.23 5.73
CA ASN B 185 -4.66 20.22 5.91
C ASN B 185 -5.77 20.05 4.87
N PRO B 186 -7.03 19.89 5.32
CA PRO B 186 -8.12 19.73 4.34
C PRO B 186 -8.34 20.94 3.43
N GLU B 187 -7.96 22.14 3.88
CA GLU B 187 -8.06 23.35 3.07
C GLU B 187 -7.07 23.35 1.90
N ALA B 188 -5.84 22.92 2.16
CA ALA B 188 -4.83 22.78 1.11
C ALA B 188 -5.15 21.66 0.11
N VAL B 189 -5.60 20.52 0.62
CA VAL B 189 -5.99 19.38 -0.21
C VAL B 189 -7.12 19.80 -1.16
N ALA B 190 -8.14 20.42 -0.60
CA ALA B 190 -9.26 20.94 -1.39
C ALA B 190 -8.83 21.91 -2.51
N ARG B 191 -8.01 22.90 -2.17
CA ARG B 191 -7.67 23.94 -3.14
C ARG B 191 -6.69 23.45 -4.20
N LEU B 192 -5.73 22.62 -3.81
CA LEU B 192 -4.83 22.00 -4.76
C LEU B 192 -5.56 20.98 -5.64
N ALA B 193 -6.53 20.27 -5.07
CA ALA B 193 -7.38 19.36 -5.85
C ALA B 193 -8.23 20.12 -6.87
N LEU B 194 -8.76 21.28 -6.49
CA LEU B 194 -9.49 22.13 -7.43
C LEU B 194 -8.62 22.66 -8.55
N ALA B 195 -7.43 23.14 -8.20
CA ALA B 195 -6.51 23.69 -9.20
C ALA B 195 -6.06 22.62 -10.18
N LEU B 196 -5.75 21.43 -9.67
CA LEU B 196 -5.43 20.26 -10.50
C LEU B 196 -6.56 19.91 -11.45
N GLN B 197 -7.78 19.90 -10.92
CA GLN B 197 -8.99 19.66 -11.72
C GLN B 197 -9.16 20.66 -12.87
N LYS B 198 -8.83 21.93 -12.64
CA LYS B 198 -8.88 22.93 -13.74
C LYS B 198 -7.86 22.61 -14.81
N GLY B 199 -6.65 22.25 -14.40
CA GLY B 199 -5.64 21.75 -15.31
C GLY B 199 -6.09 20.52 -16.09
N LEU B 200 -6.64 19.53 -15.39
CA LEU B 200 -7.17 18.33 -16.03
C LEU B 200 -8.18 18.69 -17.12
N ALA B 201 -9.06 19.64 -16.84
CA ALA B 201 -10.07 20.07 -17.82
C ALA B 201 -9.45 20.71 -19.07
N LYS B 202 -8.33 21.42 -18.92
CA LYS B 202 -7.58 21.93 -20.08
C LYS B 202 -6.98 20.84 -20.97
N GLY B 203 -6.68 19.68 -20.39
CA GLY B 203 -6.33 18.49 -21.16
C GLY B 203 -7.49 17.57 -21.49
N GLY B 204 -8.73 18.03 -21.35
CA GLY B 204 -9.92 17.29 -21.79
C GLY B 204 -10.61 16.35 -20.82
N MET B 205 -10.15 16.30 -19.57
CA MET B 205 -10.59 15.28 -18.61
C MET B 205 -11.35 15.87 -17.44
N LYS B 206 -12.32 15.11 -16.94
CA LYS B 206 -12.90 15.34 -15.61
C LYS B 206 -12.04 14.65 -14.56
N SER B 207 -12.45 14.71 -13.30
CA SER B 207 -11.67 14.14 -12.20
C SER B 207 -12.41 13.02 -11.49
N CYS B 208 -11.64 12.19 -10.78
CA CYS B 208 -12.19 11.15 -9.92
C CYS B 208 -11.52 11.19 -8.55
N GLY B 209 -12.25 11.69 -7.55
CA GLY B 209 -11.73 11.87 -6.21
C GLY B 209 -11.66 10.53 -5.49
N LYS B 210 -10.61 10.35 -4.68
CA LYS B 210 -10.53 9.12 -3.89
C LYS B 210 -9.76 9.29 -2.59
N HIS B 211 -10.03 8.50 -1.55
CA HIS B 211 -10.99 7.40 -1.51
C HIS B 211 -12.08 7.76 -0.52
N PHE B 212 -13.30 7.98 -1.02
CA PHE B 212 -14.40 8.46 -0.20
C PHE B 212 -14.80 7.43 0.87
N PRO B 213 -14.98 7.83 2.14
CA PRO B 213 -14.96 9.20 2.64
C PRO B 213 -13.61 9.74 3.20
N GLY B 214 -12.53 8.97 3.06
CA GLY B 214 -11.20 9.37 3.57
C GLY B 214 -10.36 8.19 4.04
N HIS B 215 -9.27 7.90 3.32
CA HIS B 215 -8.36 6.77 3.58
C HIS B 215 -7.11 7.16 4.39
N GLY B 216 -6.98 8.44 4.73
CA GLY B 216 -5.74 8.94 5.31
C GLY B 216 -5.46 8.60 6.77
N PHE B 217 -6.50 8.33 7.55
CA PHE B 217 -6.34 8.12 8.98
C PHE B 217 -5.97 6.67 9.36
N VAL B 218 -6.47 5.70 8.62
CA VAL B 218 -6.11 4.30 8.87
C VAL B 218 -4.63 4.04 8.57
N GLU B 219 -4.08 3.01 9.17
CA GLU B 219 -2.75 2.60 8.86
C GLU B 219 -2.88 1.70 7.65
N GLY B 220 -1.91 1.73 6.76
CA GLY B 220 -2.01 0.93 5.57
C GLY B 220 -0.67 0.60 4.99
N ASP B 221 -0.09 -0.47 5.46
CA ASP B 221 1.21 -0.88 5.03
C ASP B 221 1.29 -2.36 4.75
N SER B 222 0.19 -3.05 4.79
CA SER B 222 0.25 -4.47 4.52
C SER B 222 -0.82 -4.87 3.54
N VAL B 225 -5.21 -6.76 3.42
CA VAL B 225 -5.94 -6.60 4.68
C VAL B 225 -6.95 -5.44 4.64
N LEU B 226 -7.98 -5.51 5.48
CA LEU B 226 -9.08 -4.52 5.57
C LEU B 226 -8.99 -3.73 6.91
N PRO B 227 -8.53 -2.45 6.87
CA PRO B 227 -8.28 -1.64 8.06
C PRO B 227 -9.52 -0.95 8.63
N GLU B 228 -9.42 -0.53 9.90
CA GLU B 228 -10.53 0.13 10.61
C GLU B 228 -10.20 1.59 11.00
N ASP B 229 -11.05 2.52 10.57
CA ASP B 229 -11.03 3.90 11.01
C ASP B 229 -12.11 4.06 12.11
N GLY B 230 -11.67 4.24 13.36
CA GLY B 230 -12.56 4.25 14.51
C GLY B 230 -13.23 5.58 14.86
N ARG B 231 -13.10 6.59 14.01
CA ARG B 231 -13.56 7.94 14.31
C ARG B 231 -15.05 8.15 14.02
N SER B 232 -15.62 9.19 14.63
CA SER B 232 -17.03 9.54 14.44
C SER B 232 -17.24 10.26 13.12
N LEU B 233 -18.50 10.32 12.68
CA LEU B 233 -18.88 11.07 11.46
C LEU B 233 -18.56 12.56 11.59
N ASP B 234 -18.85 13.12 12.76
CA ASP B 234 -18.52 14.53 13.03
C ASP B 234 -17.04 14.82 12.80
N GLU B 235 -16.16 13.91 13.24
CA GLU B 235 -14.72 14.06 13.03
C GLU B 235 -14.35 14.07 11.54
N LEU B 236 -14.97 13.17 10.76
CA LEU B 236 -14.76 13.12 9.31
C LEU B 236 -15.33 14.34 8.58
N GLU B 237 -16.47 14.85 9.03
CA GLU B 237 -17.04 16.09 8.46
C GLU B 237 -16.10 17.27 8.65
N ALA B 238 -15.38 17.30 9.77
CA ALA B 238 -14.49 18.41 10.11
C ALA B 238 -13.23 18.46 9.27
N ALA B 239 -12.85 17.34 8.64
CA ALA B 239 -11.59 17.26 7.94
C ALA B 239 -11.72 16.44 6.64
N ASP B 240 -11.75 15.12 6.77
CA ASP B 240 -11.57 14.22 5.63
C ASP B 240 -12.64 14.35 4.52
N LEU B 241 -13.88 14.58 4.91
CA LEU B 241 -14.99 14.73 3.92
C LEU B 241 -15.04 16.11 3.26
N ALA B 242 -14.35 17.11 3.83
CA ALA B 242 -14.50 18.48 3.33
C ALA B 242 -14.08 18.63 1.87
N PRO B 243 -12.88 18.11 1.50
CA PRO B 243 -12.48 18.12 0.08
C PRO B 243 -13.44 17.42 -0.87
N PHE B 244 -14.05 16.31 -0.42
CA PHE B 244 -15.05 15.63 -1.23
C PHE B 244 -16.28 16.52 -1.47
N ARG B 245 -16.75 17.20 -0.42
CA ARG B 245 -17.85 18.18 -0.55
C ARG B 245 -17.50 19.27 -1.56
N ILE B 246 -16.34 19.90 -1.34
CA ILE B 246 -15.89 21.01 -2.17
C ILE B 246 -15.76 20.53 -3.62
N MET B 247 -15.07 19.41 -3.82
CA MET B 247 -14.87 18.89 -5.18
C MET B 247 -16.17 18.52 -5.88
N SER B 248 -17.11 17.92 -5.15
CA SER B 248 -18.44 17.57 -5.68
C SER B 248 -19.18 18.83 -6.11
N ARG B 249 -19.19 19.85 -5.24
CA ARG B 249 -19.79 21.14 -5.56
C ARG B 249 -19.24 21.72 -6.88
N GLU B 250 -17.92 21.61 -7.06
CA GLU B 250 -17.24 22.13 -8.27
C GLU B 250 -17.13 21.15 -9.46
N GLY B 251 -17.99 20.14 -9.52
CA GLY B 251 -18.16 19.34 -10.76
C GLY B 251 -17.31 18.09 -10.92
N MET B 252 -16.75 17.60 -9.83
CA MET B 252 -16.08 16.31 -9.81
C MET B 252 -17.00 15.27 -10.41
N ALA B 253 -16.48 14.50 -11.37
CA ALA B 253 -17.27 13.56 -12.16
C ALA B 253 -17.50 12.20 -11.50
N ALA B 254 -16.57 11.82 -10.63
CA ALA B 254 -16.55 10.46 -10.12
C ALA B 254 -15.86 10.38 -8.79
N VAL B 255 -16.09 9.26 -8.14
CA VAL B 255 -15.56 8.99 -6.82
C VAL B 255 -15.26 7.52 -6.74
N MET B 256 -14.19 7.21 -6.04
CA MET B 256 -13.82 5.85 -5.73
C MET B 256 -13.84 5.70 -4.20
N PRO B 257 -14.55 4.70 -3.68
CA PRO B 257 -14.71 4.61 -2.23
C PRO B 257 -13.52 3.92 -1.60
N ALA B 258 -13.32 4.18 -0.31
CA ALA B 258 -12.27 3.54 0.45
C ALA B 258 -12.63 2.10 0.79
N HIS B 259 -11.60 1.24 0.77
CA HIS B 259 -11.68 -0.17 1.19
C HIS B 259 -11.37 -0.13 2.69
N VAL B 260 -12.32 0.46 3.43
CA VAL B 260 -12.14 0.82 4.84
C VAL B 260 -13.52 0.77 5.51
N VAL B 261 -13.55 0.19 6.71
CA VAL B 261 -14.75 0.17 7.54
C VAL B 261 -14.64 1.26 8.58
N TYR B 262 -15.72 2.03 8.73
CA TYR B 262 -15.81 3.09 9.71
C TYR B 262 -16.90 2.70 10.71
N PRO B 263 -16.56 1.90 11.75
CA PRO B 263 -17.60 1.28 12.57
C PRO B 263 -18.62 2.20 13.26
N GLN B 264 -18.26 3.47 13.51
CA GLN B 264 -19.21 4.41 14.12
C GLN B 264 -20.34 4.82 13.16
N VAL B 265 -20.12 4.69 11.86
CA VAL B 265 -21.14 5.00 10.85
C VAL B 265 -21.80 3.75 10.27
N ASP B 266 -21.01 2.69 10.04
CA ASP B 266 -21.50 1.44 9.42
C ASP B 266 -20.40 0.38 9.53
N THR B 267 -20.77 -0.86 9.85
CA THR B 267 -19.79 -1.99 9.90
C THR B 267 -19.49 -2.56 8.51
N LYS B 268 -20.28 -2.18 7.51
CA LYS B 268 -19.96 -2.44 6.12
C LYS B 268 -18.93 -1.42 5.64
N PRO B 269 -17.95 -1.87 4.80
CA PRO B 269 -17.04 -0.92 4.15
C PRO B 269 -17.79 0.12 3.32
N ALA B 270 -17.21 1.30 3.15
CA ALA B 270 -17.84 2.41 2.40
C ALA B 270 -18.43 2.01 1.04
N GLY B 271 -17.69 1.18 0.30
CA GLY B 271 -18.16 0.68 -1.00
C GLY B 271 -19.42 -0.19 -0.99
N PHE B 272 -19.74 -0.80 0.16
CA PHE B 272 -20.92 -1.65 0.34
C PHE B 272 -21.96 -1.06 1.32
N SER B 273 -21.91 0.26 1.54
CA SER B 273 -22.69 0.92 2.59
C SER B 273 -23.73 1.89 2.02
N GLU B 274 -25.01 1.55 2.16
CA GLU B 274 -26.12 2.46 1.81
C GLU B 274 -25.96 3.79 2.56
N ILE B 275 -25.49 3.72 3.80
CA ILE B 275 -25.31 4.92 4.62
C ILE B 275 -24.29 5.87 3.98
N TRP B 276 -23.11 5.35 3.65
CA TRP B 276 -22.08 6.21 3.06
C TRP B 276 -22.46 6.72 1.66
N LEU B 277 -22.95 5.82 0.80
CA LEU B 277 -23.14 6.16 -0.60
C LEU B 277 -24.47 6.84 -0.90
N LYS B 278 -25.56 6.40 -0.29
CA LYS B 278 -26.88 7.00 -0.56
C LYS B 278 -27.23 8.12 0.44
N GLN B 279 -27.13 7.84 1.74
CA GLN B 279 -27.50 8.83 2.75
C GLN B 279 -26.55 10.03 2.76
N ILE B 280 -25.25 9.76 2.86
CA ILE B 280 -24.24 10.81 3.00
C ILE B 280 -23.80 11.39 1.65
N LEU B 281 -23.34 10.55 0.73
CA LEU B 281 -22.79 11.07 -0.54
C LEU B 281 -23.87 11.63 -1.50
N ARG B 282 -24.99 10.94 -1.70
CA ARG B 282 -26.05 11.44 -2.62
C ARG B 282 -26.90 12.53 -2.00
N ARG B 283 -27.56 12.23 -0.87
CA ARG B 283 -28.56 13.13 -0.29
C ARG B 283 -27.95 14.31 0.45
N ASP B 284 -27.04 14.03 1.38
CA ASP B 284 -26.43 15.07 2.20
C ASP B 284 -25.45 15.94 1.39
N ILE B 285 -24.51 15.32 0.69
CA ILE B 285 -23.49 16.04 -0.11
C ILE B 285 -24.01 16.54 -1.48
N GLY B 286 -24.94 15.81 -2.08
CA GLY B 286 -25.55 16.21 -3.34
C GLY B 286 -24.80 15.75 -4.58
N PHE B 287 -23.88 14.78 -4.42
CA PHE B 287 -23.03 14.33 -5.52
C PHE B 287 -23.86 13.63 -6.58
N LYS B 288 -23.71 14.06 -7.83
CA LYS B 288 -24.49 13.54 -8.97
C LYS B 288 -23.67 12.68 -9.95
N GLY B 289 -22.39 12.46 -9.67
CA GLY B 289 -21.49 11.76 -10.60
C GLY B 289 -21.49 10.26 -10.41
N VAL B 290 -20.45 9.61 -10.94
CA VAL B 290 -20.29 8.18 -10.86
C VAL B 290 -19.77 7.78 -9.48
N ILE B 291 -20.35 6.72 -8.95
CA ILE B 291 -19.76 6.02 -7.82
C ILE B 291 -19.25 4.70 -8.37
N PHE B 292 -17.92 4.55 -8.44
CA PHE B 292 -17.32 3.26 -8.76
C PHE B 292 -17.38 2.38 -7.53
N SER B 293 -17.48 1.07 -7.72
CA SER B 293 -17.41 0.13 -6.64
C SER B 293 -15.99 -0.06 -6.17
N ASP B 294 -15.85 -0.83 -5.10
CA ASP B 294 -14.57 -1.41 -4.68
C ASP B 294 -14.17 -2.47 -5.72
N ASP B 295 -12.88 -2.81 -5.77
CA ASP B 295 -12.43 -3.87 -6.73
C ASP B 295 -13.09 -5.19 -6.28
N LEU B 296 -14.00 -5.73 -7.09
CA LEU B 296 -14.79 -6.92 -6.73
C LEU B 296 -14.03 -8.26 -6.84
N THR B 297 -12.76 -8.21 -7.23
CA THR B 297 -11.90 -9.39 -7.25
C THR B 297 -11.47 -9.83 -5.86
N MET B 298 -11.44 -8.89 -4.90
CA MET B 298 -11.05 -9.15 -3.50
C MET B 298 -9.60 -9.67 -3.39
N GLY B 305 -21.45 -14.65 -1.44
CA GLY B 305 -21.80 -15.59 -2.50
C GLY B 305 -20.62 -15.83 -3.42
N GLY B 306 -20.72 -15.35 -4.67
CA GLY B 306 -19.56 -15.23 -5.58
C GLY B 306 -19.50 -13.86 -6.25
N ILE B 307 -19.01 -13.82 -7.49
CA ILE B 307 -19.28 -12.67 -8.38
C ILE B 307 -20.74 -12.88 -8.76
N LYS B 308 -21.42 -11.81 -9.16
CA LYS B 308 -22.90 -11.73 -9.27
C LYS B 308 -23.45 -11.27 -7.95
N GLU B 309 -23.15 -11.99 -6.86
CA GLU B 309 -23.60 -11.59 -5.53
C GLU B 309 -22.85 -10.34 -5.05
N ARG B 310 -21.53 -10.35 -5.20
CA ARG B 310 -20.71 -9.18 -4.89
C ARG B 310 -21.15 -7.96 -5.72
N ALA B 311 -21.49 -8.18 -6.99
CA ALA B 311 -21.96 -7.11 -7.86
C ALA B 311 -23.30 -6.54 -7.42
N ARG B 312 -24.25 -7.43 -7.12
CA ARG B 312 -25.61 -7.03 -6.69
C ARG B 312 -25.57 -6.17 -5.42
N ILE B 313 -24.72 -6.58 -4.47
CA ILE B 313 -24.57 -5.86 -3.20
C ILE B 313 -24.02 -4.46 -3.43
N SER B 314 -23.09 -4.33 -4.39
CA SER B 314 -22.51 -3.03 -4.73
C SER B 314 -23.54 -2.09 -5.36
N PHE B 315 -24.36 -2.61 -6.28
CA PHE B 315 -25.42 -1.83 -6.92
C PHE B 315 -26.49 -1.43 -5.89
N GLU B 316 -26.85 -2.38 -5.04
CA GLU B 316 -27.81 -2.14 -3.95
C GLU B 316 -27.32 -1.08 -2.97
N ALA B 317 -26.02 -1.11 -2.65
CA ALA B 317 -25.44 -0.09 -1.76
C ALA B 317 -25.42 1.32 -2.39
N GLY B 318 -25.43 1.39 -3.72
CA GLY B 318 -25.55 2.67 -4.45
C GLY B 318 -24.48 2.96 -5.49
N CYS B 319 -23.67 1.96 -5.85
CA CYS B 319 -22.68 2.10 -6.89
C CYS B 319 -23.36 2.15 -8.27
N ASP B 320 -22.82 2.97 -9.16
CA ASP B 320 -23.24 2.99 -10.55
C ASP B 320 -22.58 1.87 -11.34
N ILE B 321 -21.27 1.73 -11.14
CA ILE B 321 -20.40 0.90 -11.97
C ILE B 321 -19.52 0.04 -11.06
N VAL B 322 -19.30 -1.20 -11.47
CA VAL B 322 -18.44 -2.11 -10.74
C VAL B 322 -17.16 -2.40 -11.52
N LEU B 323 -16.03 -2.32 -10.84
CA LEU B 323 -14.74 -2.67 -11.43
C LEU B 323 -14.43 -4.13 -11.16
N VAL B 324 -13.99 -4.84 -12.20
CA VAL B 324 -13.56 -6.22 -12.08
C VAL B 324 -12.26 -6.33 -12.86
N CYS B 325 -11.15 -6.38 -12.13
CA CYS B 325 -9.81 -6.34 -12.72
C CYS B 325 -9.06 -7.66 -12.57
N ASN B 326 -8.16 -7.93 -13.53
CA ASN B 326 -7.24 -9.08 -13.52
C ASN B 326 -7.92 -10.46 -13.49
N ARG B 327 -9.21 -10.51 -13.82
CA ARG B 327 -10.02 -11.72 -13.71
C ARG B 327 -11.10 -11.75 -14.80
N PRO B 328 -10.67 -11.90 -16.07
CA PRO B 328 -11.66 -11.98 -17.17
C PRO B 328 -12.62 -13.18 -17.07
N ASP B 329 -12.24 -14.23 -16.33
CA ASP B 329 -13.15 -15.33 -16.01
C ASP B 329 -14.33 -14.88 -15.17
N LEU B 330 -14.10 -13.95 -14.22
CA LEU B 330 -15.19 -13.45 -13.38
C LEU B 330 -16.10 -12.48 -14.15
N VAL B 331 -15.53 -11.78 -15.12
CA VAL B 331 -16.30 -10.90 -15.98
C VAL B 331 -17.23 -11.75 -16.84
N ASP B 332 -16.70 -12.87 -17.36
CA ASP B 332 -17.49 -13.86 -18.11
C ASP B 332 -18.59 -14.48 -17.27
N GLU B 333 -18.26 -14.91 -16.05
CA GLU B 333 -19.27 -15.44 -15.15
C GLU B 333 -20.33 -14.38 -14.88
N LEU B 334 -19.90 -13.16 -14.56
CA LEU B 334 -20.82 -12.04 -14.24
C LEU B 334 -21.76 -11.71 -15.39
N ARG B 335 -21.22 -11.60 -16.60
CA ARG B 335 -21.99 -11.09 -17.75
C ARG B 335 -23.04 -12.05 -18.31
N ASP B 336 -22.84 -13.34 -18.07
CA ASP B 336 -23.77 -14.36 -18.57
C ASP B 336 -25.08 -14.33 -17.78
N GLY B 337 -26.17 -13.98 -18.47
CA GLY B 337 -27.50 -13.87 -17.86
C GLY B 337 -27.62 -12.70 -16.88
N PHE B 338 -26.79 -11.68 -17.09
CA PHE B 338 -26.70 -10.55 -16.19
C PHE B 338 -27.87 -9.62 -16.40
N THR B 339 -28.52 -9.23 -15.31
CA THR B 339 -29.55 -8.21 -15.39
C THR B 339 -28.93 -6.85 -15.08
N ILE B 340 -28.94 -5.98 -16.07
CA ILE B 340 -28.51 -4.60 -15.92
C ILE B 340 -29.49 -3.90 -14.99
N PRO B 341 -29.03 -3.47 -13.79
CA PRO B 341 -29.97 -2.89 -12.84
C PRO B 341 -30.54 -1.55 -13.31
N ASP B 342 -31.74 -1.23 -12.85
CA ASP B 342 -32.43 0.00 -13.27
C ASP B 342 -31.65 1.21 -12.78
N ASN B 343 -31.10 1.96 -13.73
CA ASN B 343 -30.38 3.19 -13.45
C ASN B 343 -30.46 4.06 -14.70
N GLN B 344 -31.45 4.93 -14.73
CA GLN B 344 -31.61 5.90 -15.83
C GLN B 344 -30.54 7.00 -15.83
N ASP B 345 -29.84 7.19 -14.72
CA ASP B 345 -28.74 8.17 -14.65
C ASP B 345 -27.38 7.65 -15.15
N LEU B 346 -27.26 6.35 -15.43
CA LEU B 346 -25.99 5.74 -15.84
C LEU B 346 -25.38 6.29 -17.12
N ALA B 347 -26.22 6.47 -18.15
CA ALA B 347 -25.76 6.92 -19.48
C ALA B 347 -25.09 8.28 -19.39
N GLY B 348 -25.73 9.21 -18.67
CA GLY B 348 -25.22 10.57 -18.49
C GLY B 348 -23.96 10.62 -17.63
N ARG B 349 -23.91 9.77 -16.61
CA ARG B 349 -22.72 9.63 -15.75
C ARG B 349 -21.50 9.14 -16.51
N TRP B 350 -21.70 8.14 -17.37
CA TRP B 350 -20.63 7.69 -18.27
C TRP B 350 -20.18 8.82 -19.20
N GLN B 351 -21.15 9.42 -19.91
CA GLN B 351 -20.93 10.51 -20.90
C GLN B 351 -20.15 11.71 -20.34
N TYR B 352 -20.44 12.09 -19.09
CA TYR B 352 -19.75 13.20 -18.43
C TYR B 352 -18.22 12.95 -18.36
N MET B 353 -17.80 11.68 -18.29
CA MET B 353 -16.37 11.31 -18.23
C MET B 353 -15.67 11.21 -19.58
N GLU B 354 -16.40 11.27 -20.69
CA GLU B 354 -15.81 11.26 -22.05
C GLU B 354 -14.81 12.42 -22.16
N ASN B 355 -13.67 12.16 -22.79
CA ASN B 355 -12.73 13.23 -23.06
C ASN B 355 -13.39 14.30 -23.93
N SER B 356 -13.21 15.58 -23.59
CA SER B 356 -13.77 16.68 -24.40
C SER B 356 -12.95 17.05 -25.64
N LEU B 357 -11.69 16.62 -25.71
CA LEU B 357 -10.77 17.05 -26.79
C LEU B 357 -10.57 15.97 -27.83
N GLY B 358 -10.50 16.39 -29.11
CA GLY B 358 -10.16 15.49 -30.23
C GLY B 358 -8.65 15.23 -30.41
N HIS B 359 -8.32 14.08 -31.00
CA HIS B 359 -6.92 13.68 -31.25
C HIS B 359 -6.06 14.81 -31.82
N GLU B 360 -6.53 15.40 -32.92
CA GLU B 360 -5.78 16.45 -33.65
C GLU B 360 -5.63 17.74 -32.87
N ALA B 361 -6.69 18.18 -32.19
CA ALA B 361 -6.59 19.42 -31.40
C ALA B 361 -5.57 19.30 -30.27
N VAL B 362 -5.50 18.13 -29.65
CA VAL B 362 -4.53 17.88 -28.58
C VAL B 362 -3.11 17.75 -29.12
N GLN B 363 -2.90 17.04 -30.23
CA GLN B 363 -1.55 16.98 -30.87
C GLN B 363 -1.02 18.35 -31.26
N ALA B 364 -1.93 19.20 -31.74
CA ALA B 364 -1.60 20.58 -32.13
C ALA B 364 -1.18 21.44 -30.93
N VAL B 365 -1.93 21.35 -29.84
CA VAL B 365 -1.60 22.12 -28.63
C VAL B 365 -0.30 21.63 -27.96
N MET B 366 0.04 20.36 -28.15
CA MET B 366 1.30 19.80 -27.63
C MET B 366 2.53 20.32 -28.36
N GLN B 367 2.35 20.78 -29.59
CA GLN B 367 3.40 21.46 -30.37
C GLN B 367 3.70 22.90 -29.91
N THR B 368 2.76 23.54 -29.22
CA THR B 368 2.94 24.95 -28.82
C THR B 368 4.03 25.12 -27.76
N MET B 369 4.64 26.30 -27.75
CA MET B 369 5.63 26.71 -26.76
C MET B 369 5.10 26.64 -25.32
N GLY B 370 3.85 27.06 -25.12
CA GLY B 370 3.22 27.12 -23.81
C GLY B 370 3.08 25.76 -23.15
N PHE B 371 2.66 24.76 -23.94
CA PHE B 371 2.57 23.40 -23.45
C PHE B 371 3.94 22.79 -23.20
N GLN B 372 4.90 23.04 -24.10
CA GLN B 372 6.26 22.53 -23.93
C GLN B 372 6.87 23.04 -22.64
N ALA B 373 6.61 24.29 -22.32
CA ALA B 373 7.07 24.94 -21.09
C ALA B 373 6.43 24.27 -19.88
N ALA B 374 5.13 24.02 -19.97
CA ALA B 374 4.43 23.26 -18.94
C ALA B 374 5.07 21.89 -18.70
N GLN B 375 5.38 21.16 -19.77
CA GLN B 375 6.05 19.85 -19.66
C GLN B 375 7.38 19.94 -18.91
N ALA B 376 8.21 20.92 -19.28
CA ALA B 376 9.52 21.14 -18.66
C ALA B 376 9.38 21.49 -17.19
N PHE B 377 8.48 22.41 -16.88
CA PHE B 377 8.16 22.76 -15.48
C PHE B 377 7.79 21.50 -14.67
N VAL B 378 6.83 20.74 -15.17
CA VAL B 378 6.32 19.55 -14.48
C VAL B 378 7.38 18.45 -14.33
N ALA B 379 8.17 18.26 -15.38
CA ALA B 379 9.33 17.33 -15.36
C ALA B 379 10.30 17.69 -14.25
N GLY B 380 10.54 18.99 -14.09
CA GLY B 380 11.42 19.53 -13.05
C GLY B 380 10.94 19.27 -11.64
N LEU B 381 9.64 19.35 -11.40
CA LEU B 381 9.07 19.02 -10.09
C LEU B 381 9.24 17.53 -9.72
N ALA B 382 9.28 16.66 -10.74
CA ALA B 382 9.47 15.21 -10.58
C ALA B 382 10.93 14.73 -10.37
N SER B 383 11.93 15.54 -10.72
CA SER B 383 13.35 15.18 -10.48
C SER B 383 13.70 15.23 -8.99
#